data_6MYR
#
_entry.id   6MYR
#
_cell.length_a   72.361
_cell.length_b   84.622
_cell.length_c   293.337
_cell.angle_alpha   90.000
_cell.angle_beta   90.000
_cell.angle_gamma   90.000
#
_symmetry.space_group_name_H-M   'P 21 21 21'
#
loop_
_entity.id
_entity.type
_entity.pdbx_description
1 polymer 'Succinate dehydrogenase [ubiquinone] flavoprotein subunit, mitochondrial'
2 polymer 'Succinate dehydrogenase [ubiquinone] iron-sulfur subunit, mitochondrial'
3 polymer 'Succinate dehydrogenase cytochrome b, large subunit'
4 polymer 'Succinate dehydrogenase [ubiquinone] cytochrome b small subunit, mitochondrial'
5 non-polymer 'FLAVIN-ADENINE DINUCLEOTIDE'
6 non-polymer 'OXALOACETATE ION'
7 non-polymer 'POTASSIUM ION'
8 non-polymer DI(HYDROXYETHYL)ETHER
9 non-polymer 'UNKNOWN LIGAND'
10 non-polymer 'FE2/S2 (INORGANIC) CLUSTER'
11 non-polymer 'IRON/SULFUR CLUSTER'
12 non-polymer 'FE3-S4 CLUSTER'
13 non-polymer thiapronil
14 non-polymer 'PROTOPORPHYRIN IX CONTAINING FE'
15 non-polymer UNDECYL-MALTOSIDE
16 non-polymer 'octyl beta-D-glucopyranoside'
17 non-polymer 1,2-Distearoyl-sn-glycerophosphoethanolamine
18 water water
#
loop_
_entity_poly.entity_id
_entity_poly.type
_entity_poly.pdbx_seq_one_letter_code
_entity_poly.pdbx_strand_id
1 'polypeptide(L)'
;STKVSDSISTQYPVVDHEFDAVVVGAGGAGLRAAFGLSEAGFNTACVTKLFPTRSHTVAAQGGINAALGNMEDDNWRWHF
YDTVKGSDWLGDQDAIHYMTEQAPAAVIELENYGMPFSRTEEGKIYQRAFGGQSLQFGKGGQAHRCCCVADRTGHSLLHT
LYGRSLRYDTSYFVEYFALDLLMENGECRGVIALCIEDGTIHRFRAKNTVIATGGYGRTYFSCTSAHTSTGDGTAMVTRA
GLPCQDLEFVQFHPTGIYGAGCLITEGCRGEGGILINSQGERFMERYAPVAKDLASRDVVSRSMTIEIREGRGCGPEKDH
VYLQLHHLPPQQLATRLPGISETAMIFAGVDVTKEPIPVLPTVHYNMGGIPTNYKGQVITHVNGEDKVVPGLYACGEAAS
ASVHGANRLGANSLLDLVVFGRACALTIAETCKPGEPVPSIKPNAGEESVANLDKLRFADGTIRTSEARLNMQKTMQSHA
AVFRTGSILQEGCEKLSQIYRDLAHLKTFDRGIVWNTDLVETLELQNLMLCALQTIYGAEARKESRGAHAREDYKLRIDE
FDYSKPLQGQQKRPFEEHWRKHTLSYVDVKSGKVTLKYRPVIDRTLNEEDCSSVPPAIRSY
;
A
2 'polypeptide(L)'
;AQTAAAATSRIKKFSIYRWDPDKPGDKPRMQTYEVDLNKCGPMVLDALIKIKNELDSTLTFRRSCREGICGSCAMNIAGG
NTLACTKKIDPDLSKTTKIYPLPHMYVVKDLVPDLSNFYAQYKSIEPYLKKKDESKQGKEQYLQSIEDRQKLDGLYECIL
CACCSTSCPSYWWNGDKYLGPAVLMQAYRWMIDSRDDYTEERLAQLQDPFSLYRCHTIMNCTRTCPKGLNPGKAIAEIKK
MMATYKEKAAAA
;
B
3 'polypeptide(L)'
;MATTAKEEMARFWEKNTKSSRPLSPHISIYKWSLPMAMSITHRGTGVALSLGVSLFSLAALLLPEQFPHYVAVVKSLSLS
PALIYSAKFALVFPLSYHTWNGIRHLVWDMGKGFKLSQVEQSGVVVLILTLLSSAAIAAM
;
C
4 'polypeptide(L)'
;GSSKAASLHWTSERAVSALLLGLLPAAYLYPGPAVDYSLAAALTLHGHWGLGQVITDYVHGDTPIKVANTGLYVLSAITF
TGLCYFNYYDVGICKAVAMLWSI
;
D
#
# COMPACT_ATOMS: atom_id res chain seq x y z
N GLN A 11 -18.94 -30.14 -9.11
CA GLN A 11 -18.40 -30.13 -7.75
C GLN A 11 -18.20 -28.69 -7.25
N TYR A 12 -18.06 -27.76 -8.20
CA TYR A 12 -17.81 -26.36 -7.89
C TYR A 12 -18.98 -25.49 -8.32
N PRO A 13 -19.45 -24.59 -7.47
CA PRO A 13 -20.52 -23.67 -7.88
C PRO A 13 -20.00 -22.58 -8.82
N VAL A 14 -20.78 -22.29 -9.86
CA VAL A 14 -20.41 -21.31 -10.88
C VAL A 14 -21.43 -20.17 -10.87
N VAL A 15 -20.94 -18.94 -10.74
CA VAL A 15 -21.76 -17.74 -10.75
C VAL A 15 -21.46 -16.96 -12.04
N ASP A 16 -22.49 -16.77 -12.87
CA ASP A 16 -22.33 -16.15 -14.18
C ASP A 16 -22.69 -14.66 -14.11
N HIS A 17 -21.80 -13.82 -14.62
CA HIS A 17 -21.98 -12.38 -14.67
C HIS A 17 -22.06 -11.92 -16.13
N GLU A 18 -22.65 -10.74 -16.32
CA GLU A 18 -22.74 -10.13 -17.65
C GLU A 18 -22.48 -8.63 -17.51
N PHE A 19 -21.44 -8.15 -18.20
CA PHE A 19 -21.07 -6.75 -18.24
C PHE A 19 -20.85 -6.33 -19.68
N ASP A 20 -20.76 -5.02 -19.89
CA ASP A 20 -20.29 -4.52 -21.18
C ASP A 20 -18.82 -4.88 -21.38
N ALA A 21 -18.02 -4.79 -20.32
CA ALA A 21 -16.58 -4.96 -20.39
C ALA A 21 -16.05 -5.48 -19.07
N VAL A 22 -14.91 -6.17 -19.14
N VAL A 22 -14.91 -6.17 -19.13
CA VAL A 22 -14.22 -6.71 -17.98
CA VAL A 22 -14.25 -6.67 -17.93
C VAL A 22 -12.75 -6.28 -18.06
C VAL A 22 -12.77 -6.34 -18.02
N VAL A 23 -12.24 -5.75 -16.95
CA VAL A 23 -10.82 -5.40 -16.85
C VAL A 23 -10.18 -6.34 -15.84
N VAL A 24 -9.05 -6.93 -16.20
CA VAL A 24 -8.35 -7.88 -15.34
C VAL A 24 -7.06 -7.21 -14.88
N GLY A 25 -7.04 -6.73 -13.64
CA GLY A 25 -5.92 -5.98 -13.14
C GLY A 25 -6.36 -4.66 -12.54
N ALA A 26 -5.72 -4.27 -11.43
CA ALA A 26 -6.09 -3.04 -10.73
C ALA A 26 -4.85 -2.24 -10.38
N GLY A 27 -3.81 -2.37 -11.19
CA GLY A 27 -2.66 -1.50 -11.08
C GLY A 27 -2.99 -0.16 -11.68
N GLY A 28 -1.94 0.59 -12.04
CA GLY A 28 -2.16 1.87 -12.70
C GLY A 28 -2.95 1.75 -13.99
N ALA A 29 -2.65 0.72 -14.78
CA ALA A 29 -3.27 0.60 -16.10
C ALA A 29 -4.70 0.11 -16.01
N GLY A 30 -4.94 -0.93 -15.20
CA GLY A 30 -6.29 -1.43 -15.04
C GLY A 30 -7.25 -0.40 -14.47
N LEU A 31 -6.81 0.33 -13.45
CA LEU A 31 -7.68 1.35 -12.87
C LEU A 31 -8.04 2.41 -13.90
N ARG A 32 -7.03 2.92 -14.62
CA ARG A 32 -7.30 3.95 -15.63
C ARG A 32 -8.27 3.44 -16.69
N ALA A 33 -8.12 2.18 -17.10
CA ALA A 33 -9.04 1.62 -18.08
C ALA A 33 -10.42 1.42 -17.49
N ALA A 34 -10.48 0.91 -16.25
CA ALA A 34 -11.75 0.48 -15.68
C ALA A 34 -12.69 1.67 -15.46
N PHE A 35 -12.23 2.71 -14.78
CA PHE A 35 -13.14 3.84 -14.63
C PHE A 35 -13.18 4.73 -15.87
N GLY A 36 -12.20 4.60 -16.78
CA GLY A 36 -12.38 5.18 -18.09
C GLY A 36 -13.59 4.61 -18.80
N LEU A 37 -13.76 3.29 -18.72
CA LEU A 37 -14.89 2.62 -19.37
C LEU A 37 -16.23 2.98 -18.71
N SER A 38 -16.26 3.06 -17.38
CA SER A 38 -17.46 3.51 -16.68
C SER A 38 -17.74 4.98 -16.97
N GLU A 39 -16.71 5.81 -16.98
CA GLU A 39 -16.85 7.21 -17.38
C GLU A 39 -17.57 7.34 -18.72
N ALA A 40 -17.38 6.38 -19.62
CA ALA A 40 -18.01 6.43 -20.94
C ALA A 40 -19.33 5.67 -20.97
N GLY A 41 -19.93 5.37 -19.82
CA GLY A 41 -21.23 4.74 -19.76
C GLY A 41 -21.25 3.23 -19.81
N PHE A 42 -20.09 2.57 -19.86
CA PHE A 42 -20.07 1.12 -19.95
C PHE A 42 -20.20 0.48 -18.58
N ASN A 43 -21.01 -0.58 -18.50
CA ASN A 43 -21.13 -1.39 -17.29
C ASN A 43 -19.88 -2.26 -17.19
N THR A 44 -18.96 -1.88 -16.33
CA THR A 44 -17.61 -2.43 -16.31
C THR A 44 -17.34 -3.20 -15.01
N ALA A 45 -16.67 -4.33 -15.14
CA ALA A 45 -16.21 -5.13 -14.01
C ALA A 45 -14.69 -5.10 -13.95
N CYS A 46 -14.15 -4.91 -12.74
CA CYS A 46 -12.70 -4.91 -12.53
C CYS A 46 -12.37 -6.10 -11.65
N VAL A 47 -11.73 -7.11 -12.24
CA VAL A 47 -11.38 -8.35 -11.57
C VAL A 47 -9.90 -8.29 -11.20
N THR A 48 -9.58 -8.46 -9.93
CA THR A 48 -8.20 -8.31 -9.48
C THR A 48 -7.94 -9.27 -8.33
N LYS A 49 -6.77 -9.91 -8.36
CA LYS A 49 -6.40 -10.85 -7.29
C LYS A 49 -5.81 -10.15 -6.07
N LEU A 50 -5.73 -8.83 -6.09
CA LEU A 50 -5.23 -8.05 -4.96
C LEU A 50 -6.16 -6.89 -4.71
N PHE A 51 -6.22 -6.43 -3.47
CA PHE A 51 -6.81 -5.12 -3.22
C PHE A 51 -6.03 -4.11 -4.04
N PRO A 52 -6.70 -3.24 -4.81
CA PRO A 52 -5.98 -2.49 -5.86
C PRO A 52 -4.70 -1.81 -5.40
N THR A 53 -4.67 -1.22 -4.19
CA THR A 53 -3.49 -0.50 -3.75
C THR A 53 -2.36 -1.41 -3.28
N ARG A 54 -2.52 -2.73 -3.36
CA ARG A 54 -1.40 -3.64 -3.12
C ARG A 54 -0.64 -3.99 -4.40
N SER A 55 -1.11 -3.52 -5.57
CA SER A 55 -0.47 -3.84 -6.84
C SER A 55 0.94 -3.24 -6.92
N HIS A 56 1.80 -3.89 -7.71
CA HIS A 56 3.21 -3.53 -7.77
C HIS A 56 3.44 -2.06 -8.14
N THR A 57 2.49 -1.46 -8.88
CA THR A 57 2.57 -0.04 -9.18
C THR A 57 2.88 0.79 -7.93
N VAL A 58 2.31 0.40 -6.77
CA VAL A 58 2.50 1.14 -5.51
C VAL A 58 3.97 1.26 -5.11
N ALA A 59 4.82 0.34 -5.58
CA ALA A 59 6.23 0.30 -5.26
C ALA A 59 7.09 1.19 -6.15
N ALA A 60 6.49 1.90 -7.11
CA ALA A 60 7.26 2.65 -8.09
C ALA A 60 7.73 3.97 -7.50
N GLN A 61 8.95 4.39 -7.88
CA GLN A 61 9.66 5.44 -7.15
C GLN A 61 10.01 6.66 -8.00
N GLY A 62 10.74 6.46 -9.11
CA GLY A 62 11.42 7.58 -9.74
C GLY A 62 10.48 8.61 -10.33
N GLY A 63 9.44 8.17 -11.02
CA GLY A 63 8.50 9.13 -11.52
C GLY A 63 7.96 8.73 -12.87
N ILE A 64 7.37 9.73 -13.54
CA ILE A 64 6.62 9.53 -14.78
C ILE A 64 6.99 10.66 -15.75
N ASN A 65 7.40 10.29 -16.96
CA ASN A 65 7.94 11.24 -17.92
C ASN A 65 6.84 11.99 -18.65
N ALA A 66 7.06 13.30 -18.85
CA ALA A 66 6.21 14.12 -19.70
C ALA A 66 6.93 15.43 -20.01
N ALA A 67 6.86 15.86 -21.27
CA ALA A 67 7.52 17.10 -21.69
C ALA A 67 6.67 18.30 -21.27
N LEU A 68 6.64 18.55 -19.96
CA LEU A 68 5.87 19.66 -19.42
C LEU A 68 6.59 20.99 -19.56
N GLY A 69 7.92 20.97 -19.59
CA GLY A 69 8.68 22.21 -19.64
C GLY A 69 8.74 22.96 -18.34
N ASN A 70 8.53 22.30 -17.20
CA ASN A 70 8.53 23.01 -15.93
C ASN A 70 9.93 23.39 -15.49
N MET A 71 10.95 22.62 -15.89
CA MET A 71 12.34 22.91 -15.54
C MET A 71 13.08 23.69 -16.62
N GLU A 72 12.93 23.28 -17.87
CA GLU A 72 13.48 23.99 -19.01
C GLU A 72 12.53 23.79 -20.18
N ASP A 73 12.72 24.57 -21.24
CA ASP A 73 11.94 24.37 -22.45
C ASP A 73 12.13 22.96 -22.97
N ASP A 74 11.03 22.25 -23.16
CA ASP A 74 11.05 20.87 -23.62
C ASP A 74 10.20 20.74 -24.88
N ASN A 75 10.11 19.51 -25.40
CA ASN A 75 9.32 19.21 -26.59
C ASN A 75 9.06 17.71 -26.57
N TRP A 76 7.79 17.32 -26.69
CA TRP A 76 7.44 15.90 -26.59
C TRP A 76 8.11 15.06 -27.67
N ARG A 77 8.51 15.69 -28.78
CA ARG A 77 9.19 14.96 -29.85
C ARG A 77 10.62 14.61 -29.46
N TRP A 78 11.26 15.45 -28.64
CA TRP A 78 12.54 15.08 -28.05
C TRP A 78 12.38 13.83 -27.19
N HIS A 79 11.28 13.75 -26.45
CA HIS A 79 10.96 12.57 -25.66
C HIS A 79 10.66 11.38 -26.58
N PHE A 80 10.00 11.63 -27.71
CA PHE A 80 9.80 10.58 -28.72
C PHE A 80 11.14 10.01 -29.18
N TYR A 81 12.07 10.88 -29.57
CA TYR A 81 13.37 10.43 -30.04
C TYR A 81 14.08 9.59 -28.99
N ASP A 82 14.13 10.07 -27.74
CA ASP A 82 14.81 9.33 -26.69
C ASP A 82 14.24 7.93 -26.52
N THR A 83 12.91 7.80 -26.60
CA THR A 83 12.27 6.50 -26.42
C THR A 83 12.55 5.58 -27.59
N VAL A 84 12.49 6.09 -28.83
CA VAL A 84 12.83 5.26 -29.98
C VAL A 84 14.28 4.79 -29.87
N LYS A 85 15.20 5.72 -29.61
CA LYS A 85 16.60 5.32 -29.51
C LYS A 85 16.81 4.37 -28.35
N GLY A 86 16.16 4.65 -27.20
CA GLY A 86 16.25 3.75 -26.06
C GLY A 86 15.75 2.35 -26.38
N SER A 87 14.70 2.25 -27.21
CA SER A 87 14.12 0.96 -27.55
C SER A 87 14.99 0.15 -28.50
N ASP A 88 16.10 0.71 -28.97
CA ASP A 88 17.02 0.04 -29.90
C ASP A 88 16.32 -0.33 -31.21
N TRP A 89 15.35 0.49 -31.62
CA TRP A 89 14.60 0.33 -32.87
C TRP A 89 13.87 -1.02 -32.95
N LEU A 90 13.56 -1.60 -31.78
CA LEU A 90 12.54 -2.63 -31.67
C LEU A 90 11.20 -2.07 -31.21
N GLY A 91 11.14 -0.78 -30.84
CA GLY A 91 9.88 -0.17 -30.49
C GLY A 91 9.05 0.20 -31.70
N ASP A 92 7.73 0.12 -31.54
CA ASP A 92 6.82 0.51 -32.61
C ASP A 92 6.62 2.02 -32.53
N GLN A 93 7.06 2.73 -33.56
CA GLN A 93 7.16 4.18 -33.45
C GLN A 93 5.81 4.87 -33.44
N ASP A 94 4.75 4.19 -33.91
CA ASP A 94 3.41 4.78 -33.86
C ASP A 94 2.86 4.75 -32.45
N ALA A 95 3.17 3.70 -31.68
CA ALA A 95 2.79 3.65 -30.26
C ALA A 95 3.60 4.65 -29.45
N ILE A 96 4.92 4.70 -29.69
CA ILE A 96 5.77 5.68 -29.02
C ILE A 96 5.31 7.10 -29.32
N HIS A 97 4.84 7.35 -30.54
CA HIS A 97 4.31 8.67 -30.90
C HIS A 97 3.09 8.99 -30.04
N TYR A 98 2.13 8.07 -29.97
CA TYR A 98 0.94 8.33 -29.16
C TYR A 98 1.31 8.53 -27.70
N MET A 99 2.15 7.64 -27.16
CA MET A 99 2.49 7.73 -25.74
C MET A 99 3.15 9.07 -25.41
N THR A 100 4.16 9.47 -26.19
CA THR A 100 4.95 10.63 -25.81
C THR A 100 4.23 11.94 -26.10
N GLU A 101 3.34 11.96 -27.10
CA GLU A 101 2.56 13.18 -27.35
C GLU A 101 1.44 13.34 -26.33
N GLN A 102 0.85 12.25 -25.88
CA GLN A 102 -0.20 12.30 -24.86
C GLN A 102 0.34 12.51 -23.46
N ALA A 103 1.66 12.39 -23.25
CA ALA A 103 2.21 12.41 -21.90
C ALA A 103 1.92 13.68 -21.11
N PRO A 104 2.05 14.90 -21.67
CA PRO A 104 1.71 16.08 -20.85
C PRO A 104 0.28 16.07 -20.38
N ALA A 105 -0.66 15.66 -21.23
CA ALA A 105 -2.06 15.61 -20.80
C ALA A 105 -2.29 14.48 -19.80
N ALA A 106 -1.50 13.41 -19.90
CA ALA A 106 -1.67 12.28 -19.00
C ALA A 106 -1.25 12.66 -17.59
N VAL A 107 -0.08 13.28 -17.45
CA VAL A 107 0.41 13.71 -16.14
C VAL A 107 -0.45 14.83 -15.59
N ILE A 108 -0.94 15.73 -16.45
CA ILE A 108 -1.79 16.83 -15.97
C ILE A 108 -3.11 16.27 -15.45
N GLU A 109 -3.66 15.26 -16.13
CA GLU A 109 -4.83 14.56 -15.60
C GLU A 109 -4.57 14.03 -14.20
N LEU A 110 -3.42 13.40 -13.97
CA LEU A 110 -3.11 12.82 -12.66
C LEU A 110 -3.01 13.91 -11.60
N GLU A 111 -2.36 15.02 -11.92
CA GLU A 111 -2.27 16.11 -10.95
C GLU A 111 -3.65 16.68 -10.64
N ASN A 112 -4.50 16.84 -11.66
CA ASN A 112 -5.86 17.34 -11.44
C ASN A 112 -6.70 16.35 -10.64
N TYR A 113 -6.39 15.05 -10.72
CA TYR A 113 -7.01 14.06 -9.85
C TYR A 113 -6.62 14.25 -8.39
N GLY A 114 -5.56 15.02 -8.12
CA GLY A 114 -5.08 15.23 -6.77
C GLY A 114 -3.72 14.65 -6.46
N MET A 115 -3.03 14.08 -7.44
CA MET A 115 -1.74 13.46 -7.18
C MET A 115 -0.79 14.49 -6.55
N PRO A 116 -0.18 14.19 -5.40
CA PRO A 116 0.59 15.21 -4.66
C PRO A 116 2.01 15.36 -5.19
N PHE A 117 2.13 15.80 -6.44
CA PHE A 117 3.45 16.00 -7.04
C PHE A 117 4.28 16.98 -6.21
N SER A 118 5.59 16.74 -6.19
CA SER A 118 6.52 17.73 -5.66
C SER A 118 6.48 18.98 -6.53
N ARG A 119 6.97 20.09 -6.00
CA ARG A 119 6.72 21.39 -6.59
C ARG A 119 8.00 22.19 -6.78
N THR A 120 7.97 23.07 -7.78
CA THR A 120 9.05 24.01 -8.07
C THR A 120 8.73 25.37 -7.45
N GLU A 121 9.71 26.27 -7.50
CA GLU A 121 9.51 27.62 -6.96
C GLU A 121 8.31 28.31 -7.59
N GLU A 122 7.90 27.89 -8.79
CA GLU A 122 6.77 28.50 -9.49
C GLU A 122 5.46 27.79 -9.21
N GLY A 123 5.47 26.70 -8.45
CA GLY A 123 4.28 25.97 -8.11
C GLY A 123 3.96 24.80 -9.01
N LYS A 124 4.80 24.50 -10.00
CA LYS A 124 4.52 23.49 -11.00
C LYS A 124 5.19 22.16 -10.63
N ILE A 125 4.85 21.13 -11.40
CA ILE A 125 5.29 19.77 -11.10
C ILE A 125 6.80 19.69 -11.19
N TYR A 126 7.44 19.26 -10.11
CA TYR A 126 8.89 19.07 -10.13
C TYR A 126 9.25 17.86 -11.00
N GLN A 127 10.29 18.04 -11.83
CA GLN A 127 10.77 16.99 -12.71
C GLN A 127 12.28 16.85 -12.55
N ARG A 128 12.75 15.60 -12.51
CA ARG A 128 14.16 15.31 -12.30
C ARG A 128 14.77 14.70 -13.56
N ALA A 129 16.09 14.77 -13.63
CA ALA A 129 16.82 14.06 -14.67
C ALA A 129 16.65 12.55 -14.48
N PHE A 130 16.78 11.81 -15.57
CA PHE A 130 16.62 10.37 -15.54
C PHE A 130 17.40 9.79 -16.70
N GLY A 131 17.65 8.48 -16.64
CA GLY A 131 18.59 7.84 -17.55
C GLY A 131 18.25 7.95 -19.02
N GLY A 132 19.22 8.41 -19.82
CA GLY A 132 19.08 8.46 -21.26
C GLY A 132 17.97 9.36 -21.77
N GLN A 133 17.91 10.59 -21.27
CA GLN A 133 16.94 11.56 -21.74
C GLN A 133 17.65 12.88 -22.02
N SER A 134 17.44 13.41 -23.22
CA SER A 134 18.19 14.55 -23.72
C SER A 134 17.23 15.60 -24.27
N LEU A 135 17.80 16.76 -24.57
CA LEU A 135 17.11 17.83 -25.28
C LEU A 135 17.65 17.90 -26.71
N GLN A 136 16.88 18.56 -27.57
CA GLN A 136 17.30 18.85 -28.95
C GLN A 136 17.68 17.57 -29.70
N PHE A 137 16.77 16.60 -29.69
CA PHE A 137 16.92 15.35 -30.45
C PHE A 137 18.27 14.69 -30.23
N GLY A 138 18.73 14.66 -28.98
CA GLY A 138 19.96 13.97 -28.62
C GLY A 138 21.20 14.83 -28.59
N LYS A 139 21.15 16.05 -29.13
CA LYS A 139 22.32 16.89 -29.25
C LYS A 139 22.37 18.04 -28.26
N GLY A 140 21.40 18.12 -27.34
CA GLY A 140 21.29 19.32 -26.52
C GLY A 140 21.44 19.15 -25.03
N GLY A 141 22.04 18.04 -24.59
CA GLY A 141 22.29 17.86 -23.17
C GLY A 141 21.16 17.17 -22.42
N GLN A 142 21.33 17.11 -21.10
CA GLN A 142 20.46 16.31 -20.25
C GLN A 142 19.07 16.95 -20.09
N ALA A 143 18.05 16.12 -20.21
CA ALA A 143 16.67 16.55 -20.00
C ALA A 143 16.24 16.30 -18.56
N HIS A 144 15.24 17.07 -18.12
CA HIS A 144 14.63 16.95 -16.78
C HIS A 144 13.12 16.90 -16.95
N ARG A 145 12.59 15.72 -17.27
CA ARG A 145 11.17 15.61 -17.56
C ARG A 145 10.49 14.45 -16.83
N CYS A 146 11.18 13.83 -15.88
CA CYS A 146 10.60 12.75 -15.07
C CYS A 146 9.88 13.38 -13.88
N CYS A 147 8.56 13.54 -14.01
CA CYS A 147 7.76 14.13 -12.94
C CYS A 147 7.65 13.16 -11.77
N CYS A 148 7.75 13.68 -10.55
CA CYS A 148 7.84 12.75 -9.43
C CYS A 148 7.21 13.31 -8.15
N VAL A 149 6.73 12.38 -7.33
CA VAL A 149 6.34 12.67 -5.94
C VAL A 149 7.48 12.13 -5.10
N ALA A 150 8.48 12.98 -4.84
CA ALA A 150 9.72 12.56 -4.19
C ALA A 150 10.25 11.30 -4.86
N ASP A 151 10.42 10.22 -4.10
CA ASP A 151 10.72 8.92 -4.68
C ASP A 151 9.66 7.90 -4.31
N ARG A 152 8.42 8.37 -4.16
CA ARG A 152 7.24 7.55 -3.91
C ARG A 152 6.19 7.78 -4.99
N THR A 153 6.63 7.93 -6.25
CA THR A 153 5.71 8.37 -7.29
C THR A 153 4.62 7.34 -7.55
N GLY A 154 5.00 6.07 -7.70
CA GLY A 154 4.01 5.04 -7.96
C GLY A 154 3.00 4.90 -6.83
N HIS A 155 3.47 4.97 -5.59
CA HIS A 155 2.58 5.00 -4.43
C HIS A 155 1.49 6.05 -4.61
N SER A 156 1.89 7.30 -4.86
CA SER A 156 0.91 8.37 -5.03
C SER A 156 0.04 8.17 -6.28
N LEU A 157 0.63 7.71 -7.38
CA LEU A 157 -0.15 7.50 -8.60
C LEU A 157 -1.25 6.48 -8.37
N LEU A 158 -0.90 5.34 -7.78
CA LEU A 158 -1.88 4.28 -7.57
C LEU A 158 -2.94 4.69 -6.56
N HIS A 159 -2.55 5.46 -5.53
CA HIS A 159 -3.55 5.86 -4.54
C HIS A 159 -4.45 6.96 -5.06
N THR A 160 -3.93 7.82 -5.93
CA THR A 160 -4.78 8.81 -6.59
C THR A 160 -5.76 8.15 -7.57
N LEU A 161 -5.29 7.20 -8.38
CA LEU A 161 -6.20 6.55 -9.32
C LEU A 161 -7.28 5.75 -8.60
N TYR A 162 -6.91 5.05 -7.53
CA TYR A 162 -7.90 4.32 -6.73
C TYR A 162 -8.91 5.26 -6.11
N GLY A 163 -8.43 6.34 -5.47
CA GLY A 163 -9.33 7.38 -5.01
C GLY A 163 -10.27 7.86 -6.09
N ARG A 164 -9.73 8.14 -7.28
CA ARG A 164 -10.57 8.63 -8.38
C ARG A 164 -11.58 7.57 -8.79
N SER A 165 -11.17 6.31 -8.79
CA SER A 165 -12.04 5.23 -9.23
C SER A 165 -13.30 5.12 -8.38
N LEU A 166 -13.25 5.59 -7.14
CA LEU A 166 -14.40 5.45 -6.25
C LEU A 166 -15.59 6.33 -6.64
N ARG A 167 -15.43 7.22 -7.62
CA ARG A 167 -16.51 8.10 -8.03
C ARG A 167 -17.43 7.48 -9.08
N TYR A 168 -17.08 6.31 -9.62
CA TYR A 168 -17.76 5.73 -10.77
C TYR A 168 -18.48 4.44 -10.37
N ASP A 169 -19.30 3.94 -11.29
CA ASP A 169 -20.15 2.78 -11.01
C ASP A 169 -19.49 1.45 -11.34
N THR A 170 -18.16 1.42 -11.39
CA THR A 170 -17.44 0.19 -11.67
C THR A 170 -17.71 -0.87 -10.61
N SER A 171 -17.95 -2.11 -11.07
CA SER A 171 -18.19 -3.23 -10.17
C SER A 171 -16.87 -3.97 -9.92
N TYR A 172 -16.30 -3.77 -8.75
CA TYR A 172 -15.02 -4.38 -8.41
C TYR A 172 -15.22 -5.80 -7.88
N PHE A 173 -14.25 -6.66 -8.21
CA PHE A 173 -14.25 -8.05 -7.76
C PHE A 173 -12.85 -8.32 -7.21
N VAL A 174 -12.66 -7.95 -5.95
CA VAL A 174 -11.37 -7.88 -5.29
C VAL A 174 -10.99 -9.24 -4.74
N GLU A 175 -9.72 -9.60 -4.88
CA GLU A 175 -9.23 -10.92 -4.51
C GLU A 175 -9.98 -12.02 -5.28
N TYR A 176 -10.11 -11.79 -6.59
CA TYR A 176 -10.58 -12.76 -7.55
C TYR A 176 -9.43 -13.13 -8.47
N PHE A 177 -9.24 -14.42 -8.73
CA PHE A 177 -8.08 -14.91 -9.46
C PHE A 177 -8.53 -15.43 -10.82
N ALA A 178 -8.24 -14.66 -11.87
CA ALA A 178 -8.58 -15.06 -13.22
C ALA A 178 -7.76 -16.27 -13.65
N LEU A 179 -8.45 -17.27 -14.19
CA LEU A 179 -7.79 -18.51 -14.62
C LEU A 179 -7.53 -18.56 -16.12
N ASP A 180 -8.46 -18.10 -16.94
CA ASP A 180 -8.37 -18.23 -18.39
C ASP A 180 -9.34 -17.27 -19.04
N LEU A 181 -9.06 -16.95 -20.32
CA LEU A 181 -10.03 -16.24 -21.13
C LEU A 181 -11.13 -17.18 -21.60
N LEU A 182 -12.28 -16.61 -21.93
CA LEU A 182 -13.40 -17.35 -22.50
C LEU A 182 -13.41 -17.06 -24.01
N MET A 183 -12.89 -18.00 -24.79
CA MET A 183 -12.73 -17.83 -26.23
C MET A 183 -13.80 -18.59 -27.01
N GLU A 184 -14.30 -17.97 -28.08
CA GLU A 184 -15.24 -18.64 -28.99
C GLU A 184 -15.00 -18.11 -30.40
N ASN A 185 -14.73 -19.02 -31.33
CA ASN A 185 -14.53 -18.67 -32.74
C ASN A 185 -13.53 -17.52 -32.89
N GLY A 186 -12.43 -17.62 -32.15
CA GLY A 186 -11.35 -16.65 -32.24
C GLY A 186 -11.64 -15.31 -31.61
N GLU A 187 -12.77 -15.15 -30.92
CA GLU A 187 -13.10 -13.93 -30.23
C GLU A 187 -13.08 -14.16 -28.73
N CYS A 188 -12.79 -13.11 -27.97
CA CYS A 188 -12.85 -13.17 -26.51
C CYS A 188 -14.19 -12.64 -26.05
N ARG A 189 -14.89 -13.46 -25.27
CA ARG A 189 -16.18 -13.08 -24.68
C ARG A 189 -16.12 -12.98 -23.16
N GLY A 190 -14.94 -13.01 -22.55
CA GLY A 190 -14.83 -12.78 -21.14
C GLY A 190 -13.79 -13.70 -20.51
N VAL A 191 -13.83 -13.79 -19.17
CA VAL A 191 -12.85 -14.54 -18.39
C VAL A 191 -13.57 -15.40 -17.36
N ILE A 192 -12.86 -16.40 -16.86
CA ILE A 192 -13.34 -17.23 -15.75
C ILE A 192 -12.35 -17.09 -14.59
N ALA A 193 -12.88 -16.87 -13.39
CA ALA A 193 -12.05 -16.52 -12.25
C ALA A 193 -12.50 -17.27 -11.01
N LEU A 194 -11.58 -17.40 -10.06
CA LEU A 194 -11.84 -17.99 -8.75
C LEU A 194 -12.01 -16.88 -7.72
N CYS A 195 -13.12 -16.91 -6.98
CA CYS A 195 -13.28 -16.04 -5.83
C CYS A 195 -12.54 -16.63 -4.63
N ILE A 196 -11.52 -15.93 -4.15
CA ILE A 196 -10.67 -16.51 -3.13
C ILE A 196 -11.38 -16.51 -1.77
N GLU A 197 -12.28 -15.56 -1.54
CA GLU A 197 -12.89 -15.40 -0.23
C GLU A 197 -13.81 -16.58 0.11
N ASP A 198 -14.70 -16.95 -0.81
CA ASP A 198 -15.64 -18.03 -0.55
C ASP A 198 -15.40 -19.28 -1.40
N GLY A 199 -14.44 -19.25 -2.32
CA GLY A 199 -14.09 -20.44 -3.07
C GLY A 199 -14.96 -20.75 -4.26
N THR A 200 -15.60 -19.76 -4.85
CA THR A 200 -16.53 -19.98 -5.95
C THR A 200 -15.91 -19.59 -7.29
N ILE A 201 -16.39 -20.24 -8.36
CA ILE A 201 -15.93 -20.00 -9.72
C ILE A 201 -16.89 -19.03 -10.40
N HIS A 202 -16.35 -17.97 -10.99
CA HIS A 202 -17.16 -16.92 -11.59
C HIS A 202 -16.80 -16.76 -13.06
N ARG A 203 -17.82 -16.70 -13.92
CA ARG A 203 -17.65 -16.49 -15.34
C ARG A 203 -18.16 -15.11 -15.69
N PHE A 204 -17.25 -14.24 -16.15
CA PHE A 204 -17.58 -12.88 -16.53
C PHE A 204 -17.73 -12.85 -18.05
N ARG A 205 -18.94 -12.57 -18.52
CA ARG A 205 -19.23 -12.46 -19.95
C ARG A 205 -19.28 -10.99 -20.32
N ALA A 206 -18.57 -10.63 -21.39
CA ALA A 206 -18.50 -9.23 -21.80
C ALA A 206 -18.04 -9.16 -23.25
N LYS A 207 -18.54 -8.14 -23.95
CA LYS A 207 -18.13 -7.93 -25.34
C LYS A 207 -16.66 -7.55 -25.45
N ASN A 208 -16.05 -7.07 -24.36
CA ASN A 208 -14.66 -6.63 -24.40
C ASN A 208 -13.97 -6.96 -23.08
N THR A 209 -12.72 -7.41 -23.18
CA THR A 209 -11.90 -7.74 -22.04
C THR A 209 -10.57 -7.01 -22.16
N VAL A 210 -10.11 -6.44 -21.05
CA VAL A 210 -8.86 -5.69 -20.99
C VAL A 210 -7.93 -6.37 -20.01
N ILE A 211 -6.78 -6.84 -20.50
CA ILE A 211 -5.82 -7.57 -19.69
C ILE A 211 -4.73 -6.62 -19.23
N ALA A 212 -4.66 -6.37 -17.91
CA ALA A 212 -3.70 -5.43 -17.33
C ALA A 212 -3.08 -6.07 -16.08
N THR A 213 -2.48 -7.24 -16.27
CA THR A 213 -2.11 -8.12 -15.16
C THR A 213 -0.68 -7.95 -14.68
N GLY A 214 0.04 -6.94 -15.16
CA GLY A 214 1.40 -6.70 -14.73
C GLY A 214 2.41 -7.63 -15.38
N GLY A 215 3.62 -7.62 -14.82
CA GLY A 215 4.73 -8.39 -15.35
C GLY A 215 4.86 -9.77 -14.72
N TYR A 216 6.04 -10.38 -14.93
CA TYR A 216 6.33 -11.72 -14.44
C TYR A 216 7.77 -11.81 -13.99
N GLY A 217 8.28 -10.75 -13.37
CA GLY A 217 9.63 -10.71 -12.85
C GLY A 217 10.00 -11.84 -11.91
N ARG A 218 9.00 -12.44 -11.26
CA ARG A 218 9.26 -13.52 -10.31
C ARG A 218 9.70 -14.82 -10.95
N THR A 219 9.83 -14.88 -12.28
CA THR A 219 10.45 -16.05 -12.89
C THR A 219 11.92 -16.17 -12.52
N TYR A 220 12.52 -15.12 -11.97
CA TYR A 220 13.93 -15.11 -11.62
C TYR A 220 14.11 -15.24 -10.12
N PHE A 221 15.32 -15.62 -9.73
CA PHE A 221 15.64 -15.81 -8.31
C PHE A 221 15.66 -14.48 -7.57
N SER A 222 16.39 -13.50 -8.09
CA SER A 222 16.46 -12.17 -7.51
C SER A 222 15.75 -11.19 -8.44
N CYS A 223 14.80 -10.43 -7.88
CA CYS A 223 14.09 -9.44 -8.66
C CYS A 223 13.60 -8.34 -7.73
N THR A 224 13.44 -7.14 -8.28
CA THR A 224 12.78 -6.05 -7.57
C THR A 224 11.26 -6.25 -7.51
N SER A 225 10.74 -7.20 -8.29
CA SER A 225 9.30 -7.35 -8.43
C SER A 225 8.68 -7.88 -7.15
N ALA A 226 7.39 -7.58 -6.98
CA ALA A 226 6.61 -8.12 -5.88
C ALA A 226 6.45 -9.62 -6.04
N HIS A 227 6.02 -10.28 -4.95
CA HIS A 227 5.72 -11.70 -5.02
C HIS A 227 4.57 -12.00 -5.96
N THR A 228 3.70 -11.03 -6.19
CA THR A 228 2.49 -11.26 -6.96
C THR A 228 2.69 -11.04 -8.46
N SER A 229 3.90 -10.68 -8.89
CA SER A 229 4.20 -10.46 -10.31
C SER A 229 4.52 -11.81 -10.95
N THR A 230 3.46 -12.56 -11.28
CA THR A 230 3.62 -13.90 -11.82
C THR A 230 3.11 -14.05 -13.24
N GLY A 231 2.80 -12.95 -13.93
CA GLY A 231 2.40 -13.03 -15.33
C GLY A 231 1.14 -13.81 -15.59
N ASP A 232 0.10 -13.62 -14.77
CA ASP A 232 -1.11 -14.41 -14.90
C ASP A 232 -1.83 -14.13 -16.22
N GLY A 233 -1.82 -12.86 -16.67
CA GLY A 233 -2.53 -12.53 -17.90
C GLY A 233 -1.77 -12.93 -19.15
N THR A 234 -0.44 -12.87 -19.09
CA THR A 234 0.40 -13.42 -20.16
C THR A 234 0.12 -14.90 -20.35
N ALA A 235 -0.12 -15.61 -19.25
CA ALA A 235 -0.31 -17.05 -19.29
C ALA A 235 -1.69 -17.45 -19.80
N MET A 236 -2.72 -16.63 -19.54
CA MET A 236 -4.03 -16.92 -20.12
C MET A 236 -4.02 -16.77 -21.63
N VAL A 237 -3.39 -15.69 -22.10
CA VAL A 237 -3.25 -15.48 -23.54
C VAL A 237 -2.56 -16.69 -24.17
N THR A 238 -1.45 -17.13 -23.59
CA THR A 238 -0.74 -18.29 -24.11
C THR A 238 -1.63 -19.52 -24.11
N ARG A 239 -2.40 -19.74 -23.04
CA ARG A 239 -3.29 -20.90 -23.01
C ARG A 239 -4.43 -20.75 -24.02
N ALA A 240 -4.80 -19.53 -24.37
CA ALA A 240 -5.81 -19.31 -25.41
C ALA A 240 -5.31 -19.65 -26.80
N GLY A 241 -4.02 -19.93 -26.97
CA GLY A 241 -3.45 -20.18 -28.27
C GLY A 241 -2.93 -18.93 -28.97
N LEU A 242 -2.86 -17.80 -28.29
CA LEU A 242 -2.40 -16.56 -28.88
C LEU A 242 -0.92 -16.35 -28.60
N PRO A 243 -0.24 -15.53 -29.41
CA PRO A 243 1.19 -15.33 -29.21
C PRO A 243 1.50 -14.27 -28.17
N CYS A 244 2.69 -14.39 -27.58
CA CYS A 244 3.30 -13.33 -26.79
C CYS A 244 4.52 -12.80 -27.54
N GLN A 245 4.86 -11.55 -27.26
CA GLN A 245 5.82 -10.81 -28.06
C GLN A 245 7.05 -10.44 -27.24
N ASP A 246 8.24 -10.65 -27.81
CA ASP A 246 9.50 -10.11 -27.29
C ASP A 246 9.75 -10.50 -25.83
N LEU A 247 9.31 -11.69 -25.42
CA LEU A 247 9.44 -12.05 -24.00
C LEU A 247 10.90 -12.20 -23.55
N GLU A 248 11.84 -12.37 -24.49
CA GLU A 248 13.24 -12.54 -24.11
C GLU A 248 13.91 -11.25 -23.66
N PHE A 249 13.26 -10.10 -23.82
CA PHE A 249 13.86 -8.82 -23.40
C PHE A 249 13.43 -8.52 -21.97
N VAL A 250 14.23 -8.98 -21.01
CA VAL A 250 14.01 -8.72 -19.60
C VAL A 250 14.94 -7.59 -19.18
N GLN A 251 14.39 -6.58 -18.51
CA GLN A 251 15.20 -5.45 -18.07
C GLN A 251 15.84 -5.75 -16.73
N PHE A 252 17.14 -5.51 -16.64
CA PHE A 252 17.88 -5.56 -15.39
C PHE A 252 18.09 -4.12 -14.95
N HIS A 253 17.42 -3.72 -13.88
CA HIS A 253 17.66 -2.41 -13.31
C HIS A 253 19.08 -2.37 -12.75
N PRO A 254 19.79 -1.25 -12.92
CA PRO A 254 21.17 -1.20 -12.41
C PRO A 254 21.28 -1.37 -10.90
N THR A 255 20.42 -0.74 -10.11
CA THR A 255 20.65 -0.59 -8.67
C THR A 255 19.51 -1.21 -7.88
N GLY A 256 19.39 -2.53 -7.95
CA GLY A 256 18.64 -3.27 -6.95
C GLY A 256 19.52 -3.53 -5.74
N ILE A 257 18.96 -3.35 -4.54
CA ILE A 257 19.77 -3.44 -3.34
C ILE A 257 20.35 -4.84 -3.22
N TYR A 258 21.60 -4.92 -2.76
CA TYR A 258 22.26 -6.21 -2.59
C TYR A 258 21.62 -6.98 -1.45
N GLY A 259 21.34 -8.26 -1.67
CA GLY A 259 20.70 -9.07 -0.66
C GLY A 259 19.21 -9.23 -0.87
N ALA A 260 18.45 -8.19 -0.51
CA ALA A 260 17.00 -8.24 -0.62
C ALA A 260 16.49 -7.96 -2.04
N GLY A 261 17.29 -7.33 -2.89
CA GLY A 261 16.87 -7.02 -4.23
C GLY A 261 15.90 -5.87 -4.36
N CYS A 262 15.55 -5.22 -3.25
CA CYS A 262 14.66 -4.06 -3.30
C CYS A 262 15.27 -2.97 -4.18
N LEU A 263 14.40 -2.22 -4.84
CA LEU A 263 14.84 -1.23 -5.81
C LEU A 263 15.33 0.03 -5.12
N ILE A 264 16.48 0.53 -5.55
CA ILE A 264 16.95 1.87 -5.23
C ILE A 264 16.86 2.71 -6.51
N THR A 265 16.08 3.79 -6.46
CA THR A 265 15.63 4.45 -7.68
C THR A 265 16.78 5.07 -8.46
N GLU A 266 16.64 5.01 -9.79
CA GLU A 266 17.51 5.73 -10.71
C GLU A 266 17.48 7.24 -10.46
N GLY A 267 16.44 7.74 -9.80
CA GLY A 267 16.41 9.11 -9.35
C GLY A 267 17.57 9.48 -8.44
N CYS A 268 18.21 8.49 -7.82
CA CYS A 268 19.43 8.75 -7.06
C CYS A 268 20.51 9.32 -7.96
N ARG A 269 20.70 8.71 -9.13
CA ARG A 269 21.65 9.23 -10.11
C ARG A 269 21.12 10.47 -10.81
N GLY A 270 19.80 10.58 -10.98
CA GLY A 270 19.24 11.81 -11.50
C GLY A 270 19.48 13.00 -10.60
N GLU A 271 19.52 12.78 -9.28
CA GLU A 271 19.81 13.85 -8.33
C GLU A 271 21.30 14.05 -8.07
N GLY A 272 22.16 13.17 -8.59
CA GLY A 272 23.59 13.36 -8.46
C GLY A 272 24.39 12.17 -7.97
N GLY A 273 23.71 11.08 -7.61
CA GLY A 273 24.42 9.89 -7.17
C GLY A 273 25.24 9.26 -8.28
N ILE A 274 26.33 8.60 -7.89
CA ILE A 274 27.28 8.03 -8.84
C ILE A 274 27.65 6.62 -8.42
N LEU A 275 27.93 5.78 -9.42
CA LEU A 275 28.33 4.39 -9.19
C LEU A 275 29.85 4.29 -9.08
N ILE A 276 30.31 3.51 -8.11
CA ILE A 276 31.72 3.42 -7.77
C ILE A 276 32.08 1.95 -7.57
N ASN A 277 33.23 1.54 -8.13
CA ASN A 277 33.70 0.16 -8.02
C ASN A 277 34.61 0.02 -6.80
N SER A 278 35.32 -1.11 -6.70
CA SER A 278 36.12 -1.39 -5.52
C SER A 278 37.33 -0.46 -5.38
N GLN A 279 37.70 0.26 -6.44
CA GLN A 279 38.83 1.18 -6.38
C GLN A 279 38.39 2.64 -6.44
N GLY A 280 37.13 2.92 -6.16
CA GLY A 280 36.65 4.29 -6.10
C GLY A 280 36.58 5.02 -7.43
N GLU A 281 36.52 4.30 -8.55
CA GLU A 281 36.39 4.91 -9.86
C GLU A 281 34.91 5.05 -10.22
N ARG A 282 34.50 6.27 -10.59
CA ARG A 282 33.19 6.47 -11.20
C ARG A 282 33.22 5.86 -12.59
N PHE A 283 33.21 4.53 -12.66
CA PHE A 283 33.57 3.80 -13.87
C PHE A 283 32.64 4.06 -15.04
N MET A 284 31.48 4.66 -14.82
CA MET A 284 30.63 5.02 -15.95
C MET A 284 31.23 6.14 -16.79
N GLU A 285 32.26 6.84 -16.30
CA GLU A 285 32.96 7.81 -17.12
C GLU A 285 33.72 7.16 -18.26
N ARG A 286 34.05 5.87 -18.14
CA ARG A 286 34.75 5.16 -19.19
C ARG A 286 33.80 4.43 -20.14
N TYR A 287 32.68 3.91 -19.63
CA TYR A 287 31.73 3.18 -20.47
C TYR A 287 30.84 4.14 -21.27
N ALA A 288 30.35 5.20 -20.62
CA ALA A 288 29.55 6.23 -21.27
C ALA A 288 30.20 7.56 -20.92
N PRO A 289 31.18 8.01 -21.70
CA PRO A 289 31.84 9.28 -21.38
C PRO A 289 30.89 10.47 -21.33
N VAL A 290 29.79 10.42 -22.06
CA VAL A 290 28.85 11.54 -22.09
C VAL A 290 27.83 11.40 -20.95
N ALA A 291 26.99 10.37 -21.01
CA ALA A 291 25.89 10.25 -20.07
C ALA A 291 26.32 9.73 -18.70
N LYS A 292 27.46 9.02 -18.63
CA LYS A 292 28.02 8.48 -17.37
C LYS A 292 26.95 7.64 -16.69
N ASP A 293 26.62 7.91 -15.42
CA ASP A 293 25.67 7.12 -14.66
C ASP A 293 24.22 7.34 -15.10
N LEU A 294 23.98 8.16 -16.11
CA LEU A 294 22.64 8.35 -16.67
C LEU A 294 22.55 7.80 -18.10
N ALA A 295 23.26 6.72 -18.37
CA ALA A 295 23.08 6.01 -19.62
C ALA A 295 21.86 5.10 -19.52
N SER A 296 21.52 4.46 -20.64
CA SER A 296 20.43 3.49 -20.65
C SER A 296 20.73 2.35 -19.70
N ARG A 297 19.65 1.74 -19.18
CA ARG A 297 19.80 0.71 -18.15
C ARG A 297 20.49 -0.54 -18.68
N ASP A 298 20.25 -0.91 -19.95
CA ASP A 298 20.90 -2.10 -20.47
C ASP A 298 22.41 -1.90 -20.52
N VAL A 299 22.85 -0.67 -20.80
CA VAL A 299 24.27 -0.37 -20.86
C VAL A 299 24.87 -0.33 -19.45
N VAL A 300 24.15 0.28 -18.50
CA VAL A 300 24.66 0.38 -17.13
C VAL A 300 24.76 -1.01 -16.50
N SER A 301 23.70 -1.81 -16.61
CA SER A 301 23.71 -3.16 -16.04
C SER A 301 24.84 -3.99 -16.63
N ARG A 302 25.06 -3.88 -17.94
CA ARG A 302 26.20 -4.57 -18.54
C ARG A 302 27.52 -4.02 -18.03
N SER A 303 27.63 -2.70 -17.92
CA SER A 303 28.85 -2.08 -17.40
C SER A 303 29.15 -2.58 -15.98
N MET A 304 28.14 -2.58 -15.11
CA MET A 304 28.34 -3.05 -13.74
C MET A 304 28.70 -4.54 -13.71
N THR A 305 28.00 -5.35 -14.52
CA THR A 305 28.28 -6.78 -14.54
C THR A 305 29.70 -7.06 -15.03
N ILE A 306 30.18 -6.31 -16.02
CA ILE A 306 31.53 -6.50 -16.54
C ILE A 306 32.56 -6.20 -15.45
N GLU A 307 32.31 -5.16 -14.65
CA GLU A 307 33.22 -4.79 -13.56
C GLU A 307 33.33 -5.92 -12.53
N ILE A 308 32.23 -6.63 -12.28
CA ILE A 308 32.21 -7.61 -11.21
C ILE A 308 32.94 -8.89 -11.60
N ARG A 309 32.70 -9.40 -12.81
CA ARG A 309 33.37 -10.62 -13.24
C ARG A 309 34.83 -10.38 -13.62
N GLU A 310 35.30 -9.13 -13.58
CA GLU A 310 36.69 -8.79 -13.82
C GLU A 310 37.44 -8.45 -12.53
N GLY A 311 36.88 -8.80 -11.38
CA GLY A 311 37.58 -8.72 -10.12
C GLY A 311 37.39 -7.44 -9.33
N ARG A 312 36.78 -6.41 -9.90
CA ARG A 312 36.60 -5.13 -9.21
C ARG A 312 35.27 -5.04 -8.47
N GLY A 313 34.76 -6.17 -7.95
CA GLY A 313 33.56 -6.13 -7.15
C GLY A 313 33.81 -5.65 -5.73
N CYS A 314 32.74 -5.18 -5.10
CA CYS A 314 32.79 -4.70 -3.73
C CYS A 314 32.23 -5.75 -2.78
N GLY A 315 32.31 -5.45 -1.48
CA GLY A 315 31.88 -6.37 -0.45
C GLY A 315 32.89 -7.48 -0.21
N PRO A 316 32.65 -8.31 0.81
CA PRO A 316 33.58 -9.40 1.09
C PRO A 316 33.64 -10.46 -0.01
N GLU A 317 32.58 -10.59 -0.81
CA GLU A 317 32.52 -11.61 -1.85
C GLU A 317 32.86 -11.08 -3.23
N LYS A 318 33.09 -9.78 -3.38
CA LYS A 318 33.42 -9.17 -4.66
C LYS A 318 32.32 -9.44 -5.69
N ASP A 319 31.07 -9.18 -5.28
CA ASP A 319 29.91 -9.56 -6.08
C ASP A 319 28.90 -8.44 -6.31
N HIS A 320 29.18 -7.22 -5.84
CA HIS A 320 28.31 -6.08 -6.10
C HIS A 320 29.17 -4.83 -6.23
N VAL A 321 28.52 -3.68 -6.44
CA VAL A 321 29.22 -2.40 -6.46
C VAL A 321 28.48 -1.42 -5.55
N TYR A 322 28.91 -0.16 -5.55
CA TYR A 322 28.39 0.83 -4.62
C TYR A 322 27.68 1.96 -5.35
N LEU A 323 26.63 2.49 -4.72
CA LEU A 323 25.91 3.66 -5.19
C LEU A 323 26.08 4.75 -4.14
N GLN A 324 26.82 5.79 -4.48
CA GLN A 324 27.24 6.81 -3.52
C GLN A 324 26.33 8.02 -3.60
N LEU A 325 25.82 8.46 -2.44
CA LEU A 325 24.99 9.64 -2.35
C LEU A 325 25.49 10.68 -1.35
N HIS A 326 26.41 10.31 -0.45
CA HIS A 326 26.75 11.18 0.67
C HIS A 326 27.40 12.49 0.24
N HIS A 327 27.85 12.62 -1.00
CA HIS A 327 28.38 13.90 -1.46
C HIS A 327 27.27 14.93 -1.67
N LEU A 328 26.02 14.49 -1.78
CA LEU A 328 24.89 15.41 -1.93
C LEU A 328 24.45 15.93 -0.57
N PRO A 329 23.86 17.11 -0.51
CA PRO A 329 23.41 17.67 0.78
C PRO A 329 22.31 16.82 1.39
N PRO A 330 22.32 16.66 2.72
CA PRO A 330 21.27 15.84 3.36
C PRO A 330 19.87 16.38 3.17
N GLN A 331 19.71 17.68 2.92
CA GLN A 331 18.38 18.23 2.68
C GLN A 331 17.83 17.79 1.33
N GLN A 332 18.69 17.72 0.31
CA GLN A 332 18.27 17.17 -0.98
C GLN A 332 17.90 15.70 -0.86
N LEU A 333 18.71 14.92 -0.13
CA LEU A 333 18.40 13.52 0.07
C LEU A 333 17.08 13.33 0.81
N ALA A 334 16.74 14.26 1.70
CA ALA A 334 15.49 14.14 2.45
C ALA A 334 14.30 14.58 1.62
N THR A 335 14.46 15.64 0.82
CA THR A 335 13.35 16.17 0.04
C THR A 335 13.09 15.32 -1.20
N ARG A 336 14.15 14.93 -1.92
CA ARG A 336 14.01 14.21 -3.19
C ARG A 336 14.03 12.70 -3.03
N LEU A 337 14.72 12.17 -2.01
CA LEU A 337 14.88 10.72 -1.91
C LEU A 337 14.61 10.20 -0.50
N PRO A 338 13.47 10.53 0.14
CA PRO A 338 13.27 10.04 1.51
C PRO A 338 12.91 8.57 1.56
N GLY A 339 12.33 8.03 0.49
CA GLY A 339 11.88 6.64 0.52
C GLY A 339 13.03 5.66 0.54
N ILE A 340 14.04 5.89 -0.32
CA ILE A 340 15.17 4.97 -0.37
C ILE A 340 16.16 5.23 0.76
N SER A 341 16.13 6.41 1.37
CA SER A 341 16.89 6.63 2.59
C SER A 341 16.44 5.68 3.69
N GLU A 342 15.13 5.51 3.85
CA GLU A 342 14.63 4.57 4.85
C GLU A 342 14.91 3.13 4.44
N THR A 343 14.67 2.79 3.17
CA THR A 343 14.83 1.42 2.71
C THR A 343 16.28 0.95 2.83
N ALA A 344 17.25 1.82 2.51
CA ALA A 344 18.64 1.44 2.62
C ALA A 344 19.04 1.13 4.06
N MET A 345 18.47 1.87 5.02
CA MET A 345 18.74 1.59 6.43
C MET A 345 18.10 0.27 6.86
N ILE A 346 16.84 0.05 6.47
CA ILE A 346 16.11 -1.13 6.94
C ILE A 346 16.74 -2.41 6.41
N PHE A 347 17.09 -2.43 5.12
CA PHE A 347 17.48 -3.67 4.46
C PHE A 347 18.98 -3.82 4.26
N ALA A 348 19.76 -2.75 4.45
CA ALA A 348 21.20 -2.87 4.33
C ALA A 348 21.94 -2.14 5.45
N GLY A 349 21.24 -1.58 6.43
CA GLY A 349 21.91 -0.87 7.51
C GLY A 349 22.72 0.32 7.08
N VAL A 350 22.42 0.89 5.92
CA VAL A 350 23.21 1.97 5.34
C VAL A 350 22.57 3.31 5.71
N ASP A 351 23.40 4.23 6.21
CA ASP A 351 23.03 5.64 6.33
C ASP A 351 23.54 6.35 5.08
N VAL A 352 22.61 6.79 4.22
CA VAL A 352 22.99 7.29 2.90
C VAL A 352 23.73 8.61 2.94
N THR A 353 23.77 9.28 4.09
CA THR A 353 24.55 10.50 4.24
C THR A 353 26.01 10.23 4.60
N LYS A 354 26.38 8.97 4.85
CA LYS A 354 27.73 8.65 5.32
C LYS A 354 28.35 7.49 4.54
N GLU A 355 27.54 6.53 4.08
CA GLU A 355 28.08 5.34 3.46
C GLU A 355 27.32 5.01 2.18
N PRO A 356 27.98 4.37 1.21
CA PRO A 356 27.30 3.99 -0.03
C PRO A 356 26.39 2.78 0.13
N ILE A 357 25.45 2.66 -0.81
CA ILE A 357 24.48 1.57 -0.85
C ILE A 357 25.02 0.41 -1.68
N PRO A 358 24.97 -0.82 -1.18
CA PRO A 358 25.35 -1.98 -2.00
C PRO A 358 24.26 -2.31 -3.01
N VAL A 359 24.62 -2.30 -4.29
CA VAL A 359 23.66 -2.47 -5.37
C VAL A 359 24.24 -3.41 -6.42
N LEU A 360 23.35 -4.02 -7.21
CA LEU A 360 23.78 -4.83 -8.34
C LEU A 360 22.60 -5.00 -9.28
N PRO A 361 22.86 -5.20 -10.57
CA PRO A 361 21.76 -5.35 -11.53
C PRO A 361 20.78 -6.45 -11.12
N THR A 362 19.50 -6.14 -11.21
CA THR A 362 18.45 -7.04 -10.73
C THR A 362 17.26 -6.99 -11.67
N VAL A 363 16.67 -8.17 -11.92
CA VAL A 363 15.47 -8.24 -12.75
C VAL A 363 14.41 -7.29 -12.21
N HIS A 364 13.79 -6.55 -13.11
CA HIS A 364 12.98 -5.40 -12.71
C HIS A 364 11.71 -5.21 -13.54
N TYR A 365 11.80 -5.41 -14.87
CA TYR A 365 10.71 -5.09 -15.77
C TYR A 365 10.79 -5.93 -17.03
N ASN A 366 9.64 -6.25 -17.60
CA ASN A 366 9.54 -7.10 -18.79
C ASN A 366 9.15 -6.26 -19.99
N MET A 367 10.08 -6.10 -20.93
CA MET A 367 9.76 -5.37 -22.15
C MET A 367 8.73 -6.12 -22.98
N GLY A 368 8.80 -7.45 -23.00
CA GLY A 368 7.86 -8.24 -23.76
C GLY A 368 6.48 -8.27 -23.12
N GLY A 369 5.60 -9.02 -23.74
CA GLY A 369 4.25 -9.17 -23.24
C GLY A 369 3.27 -9.43 -24.37
N ILE A 370 1.99 -9.17 -24.08
CA ILE A 370 0.92 -9.44 -25.03
C ILE A 370 0.99 -8.43 -26.15
N PRO A 371 1.11 -8.86 -27.42
CA PRO A 371 1.26 -7.89 -28.51
C PRO A 371 -0.05 -7.15 -28.73
N THR A 372 0.04 -5.82 -28.82
CA THR A 372 -1.09 -4.98 -29.21
C THR A 372 -0.66 -4.01 -30.29
N ASN A 373 -1.62 -3.28 -30.83
CA ASN A 373 -1.37 -2.09 -31.64
C ASN A 373 -1.46 -0.86 -30.74
N TYR A 374 -1.33 0.32 -31.34
CA TYR A 374 -1.29 1.53 -30.53
C TYR A 374 -2.63 1.89 -29.92
N LYS A 375 -3.71 1.21 -30.31
CA LYS A 375 -5.03 1.46 -29.74
C LYS A 375 -5.33 0.59 -28.53
N GLY A 376 -4.41 -0.31 -28.16
CA GLY A 376 -4.63 -1.23 -27.06
C GLY A 376 -5.15 -2.59 -27.47
N GLN A 377 -5.57 -2.75 -28.73
CA GLN A 377 -6.18 -3.99 -29.16
C GLN A 377 -5.12 -5.08 -29.35
N VAL A 378 -5.34 -6.23 -28.71
CA VAL A 378 -4.44 -7.36 -28.89
C VAL A 378 -4.47 -7.83 -30.33
N ILE A 379 -3.31 -8.20 -30.86
CA ILE A 379 -3.20 -8.62 -32.25
C ILE A 379 -2.54 -9.99 -32.32
N THR A 380 -2.85 -10.71 -33.38
CA THR A 380 -2.17 -11.94 -33.76
C THR A 380 -1.59 -11.73 -35.15
N HIS A 381 -0.80 -12.70 -35.62
CA HIS A 381 -0.07 -12.56 -36.88
C HIS A 381 -0.28 -13.80 -37.72
N VAL A 382 -0.91 -13.62 -38.90
CA VAL A 382 -1.23 -14.73 -39.80
C VAL A 382 -0.73 -14.36 -41.20
N ASN A 383 0.32 -15.05 -41.64
CA ASN A 383 0.84 -14.90 -43.00
C ASN A 383 1.25 -13.46 -43.31
N GLY A 384 1.92 -12.83 -42.35
CA GLY A 384 2.53 -11.53 -42.58
C GLY A 384 1.67 -10.32 -42.33
N GLU A 385 0.47 -10.48 -41.80
CA GLU A 385 -0.42 -9.37 -41.49
C GLU A 385 -0.88 -9.45 -40.04
N ASP A 386 -1.03 -8.29 -39.41
CA ASP A 386 -1.58 -8.22 -38.07
C ASP A 386 -3.10 -8.27 -38.14
N LYS A 387 -3.71 -8.99 -37.20
CA LYS A 387 -5.16 -9.19 -37.18
C LYS A 387 -5.65 -8.98 -35.75
N VAL A 388 -6.45 -7.93 -35.54
CA VAL A 388 -6.97 -7.63 -34.22
C VAL A 388 -7.81 -8.79 -33.69
N VAL A 389 -7.61 -9.13 -32.43
CA VAL A 389 -8.44 -10.13 -31.77
C VAL A 389 -9.70 -9.44 -31.28
N PRO A 390 -10.89 -9.82 -31.77
CA PRO A 390 -12.12 -9.13 -31.39
C PRO A 390 -12.42 -9.32 -29.91
N GLY A 391 -12.61 -8.19 -29.21
CA GLY A 391 -13.03 -8.20 -27.82
C GLY A 391 -11.93 -8.35 -26.80
N LEU A 392 -10.67 -8.34 -27.23
CA LEU A 392 -9.54 -8.57 -26.34
C LEU A 392 -8.58 -7.40 -26.42
N TYR A 393 -8.23 -6.86 -25.26
CA TYR A 393 -7.34 -5.71 -25.14
C TYR A 393 -6.28 -6.01 -24.11
N ALA A 394 -5.18 -5.25 -24.15
CA ALA A 394 -4.14 -5.36 -23.15
C ALA A 394 -3.47 -4.00 -23.00
N CYS A 395 -2.99 -3.73 -21.78
CA CYS A 395 -2.25 -2.50 -21.48
C CYS A 395 -1.39 -2.70 -20.24
N GLY A 396 -0.43 -1.80 -20.06
CA GLY A 396 0.53 -1.91 -18.99
C GLY A 396 1.63 -2.92 -19.28
N GLU A 397 2.35 -3.30 -18.21
CA GLU A 397 3.50 -4.19 -18.36
C GLU A 397 3.11 -5.55 -18.93
N ALA A 398 1.84 -5.95 -18.80
CA ALA A 398 1.40 -7.18 -19.44
C ALA A 398 1.34 -7.06 -20.96
N ALA A 399 1.28 -5.84 -21.50
CA ALA A 399 1.13 -5.65 -22.94
C ALA A 399 2.45 -5.29 -23.61
N SER A 400 2.50 -5.53 -24.93
CA SER A 400 3.63 -5.19 -25.80
C SER A 400 3.09 -4.32 -26.94
N ALA A 401 3.18 -2.99 -26.74
CA ALA A 401 2.47 -2.04 -27.59
C ALA A 401 3.04 -1.93 -29.01
N SER A 402 4.37 -1.93 -29.20
CA SER A 402 5.44 -1.96 -28.20
C SER A 402 6.13 -0.60 -28.07
N VAL A 403 5.97 0.05 -26.91
CA VAL A 403 6.59 1.36 -26.74
C VAL A 403 8.02 1.27 -26.22
N HIS A 404 8.45 0.12 -25.71
CA HIS A 404 9.76 0.00 -25.07
C HIS A 404 10.71 -0.90 -25.84
N GLY A 405 10.22 -1.66 -26.81
CA GLY A 405 11.08 -2.40 -27.72
C GLY A 405 12.00 -3.33 -26.98
N ALA A 406 13.31 -3.10 -27.13
CA ALA A 406 14.35 -3.94 -26.55
C ALA A 406 14.91 -3.41 -25.24
N ASN A 407 14.50 -2.21 -24.80
CA ASN A 407 14.96 -1.64 -23.54
C ASN A 407 14.13 -0.41 -23.18
N ARG A 408 13.59 -0.37 -21.96
CA ARG A 408 12.71 0.71 -21.53
C ARG A 408 13.52 1.81 -20.86
N LEU A 409 13.17 3.06 -21.18
CA LEU A 409 13.70 4.18 -20.45
C LEU A 409 13.02 4.28 -19.09
N GLY A 410 13.79 4.64 -18.06
CA GLY A 410 13.20 4.88 -16.76
C GLY A 410 12.09 5.91 -16.85
N ALA A 411 11.06 5.70 -16.03
CA ALA A 411 9.90 6.58 -15.89
C ALA A 411 8.97 6.58 -17.09
N ASN A 412 9.14 5.63 -18.02
CA ASN A 412 8.21 5.48 -19.13
C ASN A 412 7.15 4.42 -18.89
N SER A 413 7.31 3.58 -17.87
CA SER A 413 6.32 2.56 -17.60
C SER A 413 5.06 3.16 -16.98
N LEU A 414 5.21 3.91 -15.89
CA LEU A 414 4.05 4.55 -15.28
C LEU A 414 3.27 5.36 -16.31
N LEU A 415 3.99 6.01 -17.24
CA LEU A 415 3.33 6.74 -18.32
C LEU A 415 2.59 5.80 -19.25
N ASP A 416 3.26 4.74 -19.70
CA ASP A 416 2.61 3.66 -20.43
C ASP A 416 1.28 3.28 -19.78
N LEU A 417 1.28 3.05 -18.46
CA LEU A 417 0.08 2.58 -17.77
C LEU A 417 -1.13 3.47 -18.04
N VAL A 418 -0.99 4.78 -17.79
CA VAL A 418 -2.16 5.66 -17.86
C VAL A 418 -2.49 6.03 -19.31
N VAL A 419 -1.50 6.03 -20.21
CA VAL A 419 -1.79 6.39 -21.59
C VAL A 419 -2.57 5.27 -22.27
N PHE A 420 -2.10 4.04 -22.15
CA PHE A 420 -2.73 2.93 -22.85
C PHE A 420 -3.90 2.34 -22.08
N GLY A 421 -3.95 2.56 -20.76
CA GLY A 421 -5.18 2.27 -20.04
C GLY A 421 -6.32 3.12 -20.51
N ARG A 422 -6.09 4.43 -20.62
N ARG A 422 -6.08 4.43 -20.62
CA ARG A 422 -7.09 5.32 -21.20
CA ARG A 422 -7.07 5.34 -21.20
C ARG A 422 -7.37 4.95 -22.65
C ARG A 422 -7.36 4.98 -22.66
N ALA A 423 -6.33 4.61 -23.42
CA ALA A 423 -6.52 4.29 -24.84
C ALA A 423 -7.43 3.09 -25.03
N CYS A 424 -7.28 2.04 -24.21
CA CYS A 424 -8.20 0.91 -24.30
C CYS A 424 -9.64 1.36 -24.10
N ALA A 425 -9.85 2.29 -23.16
CA ALA A 425 -11.20 2.79 -22.91
C ALA A 425 -11.71 3.60 -24.09
N LEU A 426 -10.84 4.41 -24.71
CA LEU A 426 -11.24 5.23 -25.84
C LEU A 426 -11.55 4.37 -27.07
N THR A 427 -10.79 3.30 -27.28
CA THR A 427 -10.99 2.48 -28.46
C THR A 427 -12.30 1.69 -28.37
N ILE A 428 -12.61 1.16 -27.18
CA ILE A 428 -13.88 0.45 -26.99
C ILE A 428 -15.05 1.41 -27.16
N ALA A 429 -14.94 2.62 -26.62
CA ALA A 429 -16.06 3.56 -26.68
C ALA A 429 -16.35 4.02 -28.10
N GLU A 430 -15.32 4.13 -28.95
CA GLU A 430 -15.56 4.53 -30.33
C GLU A 430 -15.96 3.36 -31.22
N THR A 431 -15.68 2.12 -30.79
CA THR A 431 -15.97 0.92 -31.56
C THR A 431 -17.29 0.27 -31.17
N CYS A 432 -17.72 0.40 -29.92
CA CYS A 432 -18.90 -0.30 -29.42
C CYS A 432 -19.75 0.67 -28.60
N LYS A 433 -20.99 0.28 -28.35
CA LYS A 433 -21.87 1.07 -27.49
C LYS A 433 -22.24 0.27 -26.24
N PRO A 434 -22.50 0.95 -25.13
CA PRO A 434 -22.97 0.24 -23.93
C PRO A 434 -24.35 -0.36 -24.16
N GLY A 435 -24.65 -1.39 -23.36
CA GLY A 435 -25.92 -2.08 -23.48
C GLY A 435 -26.09 -2.91 -24.73
N GLU A 436 -25.09 -2.95 -25.62
CA GLU A 436 -25.16 -3.85 -26.75
C GLU A 436 -25.16 -5.30 -26.26
N PRO A 437 -25.68 -6.22 -27.07
CA PRO A 437 -25.85 -7.61 -26.59
C PRO A 437 -24.57 -8.18 -26.00
N VAL A 438 -24.70 -8.78 -24.82
CA VAL A 438 -23.59 -9.51 -24.21
C VAL A 438 -23.50 -10.86 -24.92
N PRO A 439 -22.36 -11.21 -25.50
CA PRO A 439 -22.29 -12.43 -26.31
C PRO A 439 -22.44 -13.67 -25.45
N SER A 440 -23.13 -14.66 -26.00
CA SER A 440 -23.34 -15.91 -25.28
C SER A 440 -22.07 -16.75 -25.27
N ILE A 441 -22.01 -17.69 -24.33
CA ILE A 441 -20.90 -18.63 -24.21
C ILE A 441 -21.47 -20.04 -24.17
N LYS A 442 -20.59 -21.02 -24.32
CA LYS A 442 -21.01 -22.41 -24.28
C LYS A 442 -21.41 -22.78 -22.85
N PRO A 443 -22.36 -23.72 -22.70
CA PRO A 443 -22.85 -24.05 -21.35
C PRO A 443 -21.76 -24.51 -20.39
N ASN A 444 -20.68 -25.08 -20.91
CA ASN A 444 -19.57 -25.56 -20.11
C ASN A 444 -18.27 -24.87 -20.51
N ALA A 445 -18.35 -23.61 -20.91
CA ALA A 445 -17.15 -22.85 -21.21
C ALA A 445 -16.34 -22.64 -19.94
N GLY A 446 -15.02 -22.78 -20.05
CA GLY A 446 -14.13 -22.64 -18.92
C GLY A 446 -14.06 -23.84 -18.00
N GLU A 447 -14.65 -24.98 -18.38
CA GLU A 447 -14.61 -26.14 -17.51
C GLU A 447 -13.19 -26.70 -17.40
N GLU A 448 -12.36 -26.48 -18.42
CA GLU A 448 -10.98 -26.94 -18.36
C GLU A 448 -10.21 -26.20 -17.27
N SER A 449 -10.49 -24.90 -17.11
CA SER A 449 -9.87 -24.13 -16.04
C SER A 449 -10.19 -24.73 -14.67
N VAL A 450 -11.41 -25.22 -14.50
CA VAL A 450 -11.82 -25.81 -13.23
C VAL A 450 -11.13 -27.14 -13.00
N ALA A 451 -11.06 -27.98 -14.05
CA ALA A 451 -10.39 -29.27 -13.93
C ALA A 451 -8.94 -29.11 -13.53
N ASN A 452 -8.24 -28.13 -14.12
CA ASN A 452 -6.84 -27.88 -13.78
C ASN A 452 -6.70 -27.42 -12.34
N LEU A 453 -7.58 -26.52 -11.89
CA LEU A 453 -7.53 -26.03 -10.52
C LEU A 453 -7.82 -27.15 -9.53
N ASP A 454 -8.73 -28.07 -9.88
CA ASP A 454 -9.06 -29.15 -8.97
C ASP A 454 -7.97 -30.20 -8.91
N LYS A 455 -7.28 -30.45 -10.03
CA LYS A 455 -6.15 -31.37 -10.02
C LYS A 455 -5.01 -30.83 -9.16
N LEU A 456 -4.74 -29.52 -9.25
CA LEU A 456 -3.73 -28.92 -8.40
C LEU A 456 -4.18 -28.89 -6.94
N ARG A 457 -5.47 -28.68 -6.71
CA ARG A 457 -5.98 -28.60 -5.34
C ARG A 457 -5.71 -29.89 -4.57
N PHE A 458 -5.80 -31.04 -5.25
CA PHE A 458 -5.63 -32.34 -4.62
C PHE A 458 -4.33 -33.02 -5.03
N ALA A 459 -3.36 -32.27 -5.56
CA ALA A 459 -2.12 -32.86 -6.03
C ALA A 459 -1.36 -33.54 -4.89
N ASP A 460 -0.79 -34.70 -5.19
CA ASP A 460 -0.09 -35.50 -4.18
C ASP A 460 1.09 -36.22 -4.82
N GLY A 461 1.95 -35.48 -5.52
CA GLY A 461 3.10 -36.05 -6.17
C GLY A 461 4.33 -36.07 -5.30
N THR A 462 5.48 -35.73 -5.88
CA THR A 462 6.77 -35.86 -5.19
C THR A 462 7.57 -34.56 -5.13
N ILE A 463 7.11 -33.48 -5.75
CA ILE A 463 7.82 -32.20 -5.69
C ILE A 463 6.81 -31.10 -5.39
N ARG A 464 6.94 -30.50 -4.22
CA ARG A 464 6.05 -29.42 -3.81
C ARG A 464 6.24 -28.19 -4.70
N THR A 465 5.24 -27.31 -4.67
CA THR A 465 5.26 -26.11 -5.51
C THR A 465 6.49 -25.26 -5.23
N SER A 466 6.88 -25.16 -3.96
CA SER A 466 8.01 -24.32 -3.58
C SER A 466 9.32 -24.86 -4.18
N GLU A 467 9.47 -26.18 -4.22
CA GLU A 467 10.69 -26.77 -4.78
C GLU A 467 10.77 -26.52 -6.30
N ALA A 468 9.64 -26.59 -6.98
CA ALA A 468 9.64 -26.38 -8.43
C ALA A 468 9.83 -24.91 -8.77
N ARG A 469 9.21 -24.01 -8.00
CA ARG A 469 9.41 -22.58 -8.22
C ARG A 469 10.88 -22.19 -8.08
N LEU A 470 11.61 -22.85 -7.18
CA LEU A 470 13.01 -22.50 -6.97
C LEU A 470 13.87 -22.93 -8.15
N ASN A 471 13.72 -24.18 -8.60
CA ASN A 471 14.51 -24.68 -9.72
C ASN A 471 14.29 -23.84 -10.98
N MET A 472 13.08 -23.31 -11.17
CA MET A 472 12.83 -22.38 -12.26
C MET A 472 13.63 -21.09 -12.08
N GLN A 473 13.56 -20.50 -10.88
CA GLN A 473 14.18 -19.21 -10.64
C GLN A 473 15.70 -19.29 -10.68
N LYS A 474 16.28 -20.41 -10.25
CA LYS A 474 17.73 -20.56 -10.36
C LYS A 474 18.17 -20.87 -11.78
N THR A 475 17.32 -21.56 -12.56
CA THR A 475 17.65 -21.83 -13.95
C THR A 475 17.62 -20.56 -14.78
N MET A 476 16.61 -19.71 -14.56
CA MET A 476 16.57 -18.42 -15.23
C MET A 476 17.76 -17.55 -14.82
N GLN A 477 18.15 -17.62 -13.54
CA GLN A 477 19.20 -16.73 -13.05
C GLN A 477 20.58 -17.12 -13.59
N SER A 478 20.82 -18.40 -13.82
CA SER A 478 22.12 -18.86 -14.29
C SER A 478 22.24 -18.84 -15.80
N HIS A 479 21.14 -18.95 -16.53
CA HIS A 479 21.18 -19.18 -17.96
C HIS A 479 20.65 -18.04 -18.82
N ALA A 480 19.92 -17.09 -18.24
CA ALA A 480 19.41 -15.95 -18.99
C ALA A 480 19.64 -14.67 -18.22
N ALA A 481 20.87 -14.45 -17.78
CA ALA A 481 21.23 -13.27 -17.00
C ALA A 481 21.61 -12.13 -17.96
N VAL A 482 22.38 -11.15 -17.46
CA VAL A 482 22.67 -9.95 -18.24
C VAL A 482 23.40 -10.31 -19.53
N PHE A 483 24.33 -11.27 -19.45
CA PHE A 483 25.04 -11.80 -20.60
C PHE A 483 24.64 -13.25 -20.84
N ARG A 484 24.53 -13.62 -22.12
CA ARG A 484 24.00 -14.91 -22.52
C ARG A 484 24.84 -15.47 -23.66
N THR A 485 24.95 -16.80 -23.71
CA THR A 485 25.58 -17.50 -24.82
C THR A 485 24.71 -18.69 -25.23
N GLY A 486 25.02 -19.25 -26.40
CA GLY A 486 24.20 -20.31 -26.94
C GLY A 486 24.27 -21.59 -26.13
N SER A 487 25.46 -21.97 -25.67
CA SER A 487 25.59 -23.22 -24.91
C SER A 487 24.96 -23.10 -23.53
N ILE A 488 24.95 -21.90 -22.95
CA ILE A 488 24.31 -21.69 -21.65
C ILE A 488 22.80 -21.56 -21.82
N LEU A 489 22.35 -20.87 -22.87
CA LEU A 489 20.92 -20.74 -23.11
C LEU A 489 20.29 -22.09 -23.45
N GLN A 490 20.98 -22.91 -24.22
CA GLN A 490 20.44 -24.23 -24.58
C GLN A 490 20.47 -25.17 -23.38
N GLU A 491 21.51 -25.09 -22.56
CA GLU A 491 21.54 -25.88 -21.33
C GLU A 491 20.35 -25.53 -20.45
N GLY A 492 19.98 -24.25 -20.40
CA GLY A 492 18.83 -23.83 -19.62
C GLY A 492 17.50 -24.10 -20.30
N CYS A 493 17.49 -24.28 -21.62
CA CYS A 493 16.26 -24.65 -22.30
C CYS A 493 15.87 -26.08 -21.99
N GLU A 494 16.83 -27.00 -22.00
CA GLU A 494 16.55 -28.38 -21.67
C GLU A 494 16.18 -28.53 -20.20
N LYS A 495 16.88 -27.82 -19.31
CA LYS A 495 16.54 -27.87 -17.89
C LYS A 495 15.13 -27.37 -17.65
N LEU A 496 14.79 -26.22 -18.24
CA LEU A 496 13.47 -25.64 -18.01
C LEU A 496 12.37 -26.49 -18.60
N SER A 497 12.56 -27.00 -19.83
CA SER A 497 11.60 -27.93 -20.40
C SER A 497 11.52 -29.23 -19.60
N GLN A 498 12.57 -29.58 -18.86
CA GLN A 498 12.50 -30.73 -17.97
C GLN A 498 11.68 -30.40 -16.72
N ILE A 499 11.82 -29.17 -16.20
CA ILE A 499 11.01 -28.77 -15.06
C ILE A 499 9.54 -28.74 -15.43
N TYR A 500 9.22 -28.26 -16.65
CA TYR A 500 7.83 -28.21 -17.09
C TYR A 500 7.22 -29.60 -17.19
N ARG A 501 7.98 -30.56 -17.69
CA ARG A 501 7.48 -31.94 -17.72
C ARG A 501 7.34 -32.49 -16.31
N ASP A 502 8.15 -32.01 -15.35
CA ASP A 502 8.05 -32.46 -13.97
C ASP A 502 6.92 -31.80 -13.20
N LEU A 503 6.23 -30.82 -13.80
CA LEU A 503 5.04 -30.26 -13.17
C LEU A 503 3.94 -31.31 -12.98
N ALA A 504 4.06 -32.45 -13.66
CA ALA A 504 3.08 -33.52 -13.50
C ALA A 504 3.16 -34.18 -12.14
N HIS A 505 4.30 -34.08 -11.46
CA HIS A 505 4.49 -34.66 -10.13
C HIS A 505 4.42 -33.62 -9.03
N LEU A 506 3.69 -32.53 -9.24
CA LEU A 506 3.55 -31.50 -8.23
C LEU A 506 2.92 -32.06 -6.95
N LYS A 507 3.14 -31.35 -5.85
CA LYS A 507 2.68 -31.78 -4.54
C LYS A 507 2.12 -30.58 -3.79
N THR A 508 0.82 -30.63 -3.49
CA THR A 508 0.18 -29.67 -2.60
C THR A 508 -0.19 -30.35 -1.29
N PHE A 509 -0.58 -29.53 -0.33
CA PHE A 509 -1.04 -29.99 0.97
C PHE A 509 -2.39 -29.42 1.35
N ASP A 510 -2.61 -28.12 1.14
CA ASP A 510 -3.86 -27.48 1.52
C ASP A 510 -4.99 -27.98 0.63
N ARG A 511 -5.93 -28.72 1.23
CA ARG A 511 -7.07 -29.26 0.51
C ARG A 511 -8.31 -28.38 0.61
N GLY A 512 -8.24 -27.28 1.35
CA GLY A 512 -9.32 -26.33 1.38
C GLY A 512 -9.46 -25.55 0.08
N ILE A 513 -10.48 -24.69 0.04
CA ILE A 513 -10.73 -23.86 -1.13
C ILE A 513 -10.89 -22.38 -0.79
N VAL A 514 -11.23 -22.03 0.45
CA VAL A 514 -11.22 -20.63 0.87
C VAL A 514 -9.79 -20.24 1.24
N TRP A 515 -9.29 -19.19 0.60
CA TRP A 515 -7.93 -18.68 0.81
C TRP A 515 -6.91 -19.82 0.85
N ASN A 516 -6.85 -20.54 -0.27
CA ASN A 516 -5.90 -21.63 -0.45
C ASN A 516 -4.72 -21.08 -1.26
N THR A 517 -3.85 -20.34 -0.57
CA THR A 517 -2.65 -19.79 -1.19
C THR A 517 -1.68 -20.88 -1.62
N ASP A 518 -1.80 -22.08 -1.07
CA ASP A 518 -1.06 -23.20 -1.63
C ASP A 518 -1.51 -23.46 -3.06
N LEU A 519 -2.82 -23.50 -3.28
CA LEU A 519 -3.36 -23.71 -4.61
C LEU A 519 -3.03 -22.53 -5.53
N VAL A 520 -3.36 -21.31 -5.10
CA VAL A 520 -3.15 -20.13 -5.93
C VAL A 520 -1.69 -20.03 -6.37
N GLU A 521 -0.75 -20.27 -5.45
CA GLU A 521 0.65 -20.15 -5.83
C GLU A 521 1.08 -21.28 -6.76
N THR A 522 0.40 -22.43 -6.70
CA THR A 522 0.63 -23.46 -7.71
C THR A 522 0.16 -22.98 -9.08
N LEU A 523 -0.99 -22.33 -9.14
CA LEU A 523 -1.46 -21.74 -10.39
C LEU A 523 -0.47 -20.70 -10.90
N GLU A 524 0.05 -19.86 -10.00
CA GLU A 524 1.01 -18.85 -10.40
C GLU A 524 2.31 -19.47 -10.91
N LEU A 525 2.68 -20.65 -10.38
CA LEU A 525 3.87 -21.32 -10.89
C LEU A 525 3.66 -21.80 -12.32
N GLN A 526 2.48 -22.35 -12.61
CA GLN A 526 2.15 -22.68 -13.99
C GLN A 526 2.26 -21.45 -14.88
N ASN A 527 1.69 -20.33 -14.42
CA ASN A 527 1.77 -19.08 -15.16
C ASN A 527 3.22 -18.66 -15.39
N LEU A 528 4.03 -18.70 -14.32
CA LEU A 528 5.43 -18.32 -14.43
C LEU A 528 6.17 -19.20 -15.43
N MET A 529 5.89 -20.51 -15.41
CA MET A 529 6.62 -21.44 -16.27
C MET A 529 6.36 -21.17 -17.75
N LEU A 530 5.09 -20.95 -18.12
CA LEU A 530 4.77 -20.58 -19.49
C LEU A 530 5.54 -19.34 -19.91
N CYS A 531 5.62 -18.35 -19.02
CA CYS A 531 6.33 -17.11 -19.32
C CYS A 531 7.83 -17.34 -19.42
N ALA A 532 8.38 -18.23 -18.58
CA ALA A 532 9.83 -18.43 -18.57
C ALA A 532 10.31 -19.19 -19.80
N LEU A 533 9.58 -20.24 -20.19
CA LEU A 533 9.93 -20.99 -21.40
C LEU A 533 9.97 -20.09 -22.62
N GLN A 534 8.90 -19.31 -22.84
CA GLN A 534 8.90 -18.36 -23.95
C GLN A 534 10.08 -17.39 -23.87
N THR A 535 10.48 -17.01 -22.65
CA THR A 535 11.60 -16.09 -22.48
C THR A 535 12.91 -16.74 -22.94
N ILE A 536 13.20 -17.94 -22.43
CA ILE A 536 14.52 -18.52 -22.66
C ILE A 536 14.62 -19.14 -24.06
N TYR A 537 13.50 -19.61 -24.62
CA TYR A 537 13.55 -20.16 -25.98
C TYR A 537 13.63 -19.07 -27.03
N GLY A 538 12.90 -17.98 -26.83
CA GLY A 538 13.07 -16.82 -27.71
C GLY A 538 14.45 -16.19 -27.57
N ALA A 539 15.05 -16.32 -26.39
CA ALA A 539 16.39 -15.76 -26.19
C ALA A 539 17.44 -16.60 -26.90
N GLU A 540 17.27 -17.93 -26.88
CA GLU A 540 18.24 -18.81 -27.52
C GLU A 540 18.25 -18.61 -29.03
N ALA A 541 17.08 -18.42 -29.64
CA ALA A 541 17.02 -18.30 -31.09
C ALA A 541 17.49 -16.92 -31.57
N ARG A 542 17.34 -15.88 -30.76
CA ARG A 542 17.74 -14.54 -31.20
C ARG A 542 19.26 -14.45 -31.21
N LYS A 543 19.84 -14.67 -32.39
CA LYS A 543 21.29 -14.67 -32.57
C LYS A 543 21.77 -13.26 -32.95
N GLU A 544 21.67 -12.36 -31.98
CA GLU A 544 22.12 -10.98 -32.10
C GLU A 544 22.16 -10.38 -30.70
N SER A 545 22.52 -9.11 -30.60
CA SER A 545 22.56 -8.38 -29.33
C SER A 545 21.84 -7.05 -29.51
N ARG A 546 20.69 -6.90 -28.84
CA ARG A 546 19.85 -5.72 -28.98
C ARG A 546 19.28 -5.36 -27.62
N GLY A 547 19.50 -4.13 -27.20
CA GLY A 547 19.00 -3.68 -25.90
C GLY A 547 19.51 -4.55 -24.79
N ALA A 548 18.59 -4.98 -23.90
CA ALA A 548 18.94 -5.80 -22.75
C ALA A 548 19.40 -7.21 -23.14
N HIS A 549 19.00 -7.69 -24.30
CA HIS A 549 19.41 -9.02 -24.76
C HIS A 549 20.84 -8.94 -25.30
N ALA A 550 21.78 -9.55 -24.58
CA ALA A 550 23.20 -9.50 -24.94
C ALA A 550 23.68 -10.93 -25.18
N ARG A 551 24.03 -11.22 -26.43
CA ARG A 551 24.68 -12.48 -26.81
C ARG A 551 26.16 -12.19 -27.00
N GLU A 552 27.01 -12.89 -26.25
CA GLU A 552 28.44 -12.75 -26.44
C GLU A 552 28.96 -13.58 -27.61
N ASP A 553 28.14 -14.47 -28.16
CA ASP A 553 28.45 -15.17 -29.40
C ASP A 553 27.80 -14.51 -30.62
N TYR A 554 27.09 -13.39 -30.42
CA TYR A 554 26.54 -12.55 -31.49
C TYR A 554 26.48 -11.12 -30.93
N LYS A 555 27.64 -10.45 -30.95
CA LYS A 555 27.80 -9.16 -30.28
C LYS A 555 27.19 -7.99 -31.05
N LEU A 556 26.85 -8.16 -32.32
CA LEU A 556 26.40 -7.04 -33.14
C LEU A 556 24.88 -7.03 -33.27
N ARG A 557 24.35 -5.85 -33.59
CA ARG A 557 22.94 -5.66 -33.89
C ARG A 557 22.72 -5.88 -35.37
N ILE A 558 21.81 -6.79 -35.72
CA ILE A 558 21.61 -7.20 -37.10
C ILE A 558 20.29 -6.63 -37.58
N ASP A 559 20.36 -5.50 -38.28
CA ASP A 559 19.19 -4.86 -38.87
C ASP A 559 19.07 -5.28 -40.33
N GLU A 560 18.02 -4.79 -41.00
CA GLU A 560 17.81 -5.12 -42.41
C GLU A 560 18.87 -4.47 -43.30
N PHE A 561 19.60 -3.48 -42.80
CA PHE A 561 20.79 -2.95 -43.44
C PHE A 561 21.92 -2.92 -42.42
N ASP A 562 23.12 -2.63 -42.89
CA ASP A 562 24.24 -2.26 -42.01
C ASP A 562 24.17 -0.75 -41.83
N TYR A 563 23.55 -0.31 -40.72
CA TYR A 563 23.23 1.10 -40.52
C TYR A 563 24.41 1.91 -40.00
N SER A 564 25.63 1.36 -39.99
CA SER A 564 26.80 2.14 -39.63
C SER A 564 27.41 2.85 -40.84
N LYS A 565 27.37 2.21 -42.02
CA LYS A 565 27.90 2.62 -43.32
C LYS A 565 26.78 3.16 -44.20
N PRO A 566 27.10 4.08 -45.11
CA PRO A 566 26.06 4.68 -45.96
C PRO A 566 25.18 3.64 -46.63
N LEU A 567 23.87 3.93 -46.67
CA LEU A 567 22.91 3.01 -47.27
C LEU A 567 23.01 2.96 -48.79
N GLN A 568 23.83 3.80 -49.41
CA GLN A 568 23.91 3.88 -50.86
C GLN A 568 24.30 2.54 -51.48
N GLY A 569 23.37 1.93 -52.21
CA GLY A 569 23.66 0.70 -52.92
C GLY A 569 23.87 -0.51 -52.05
N GLN A 570 23.27 -0.52 -50.86
CA GLN A 570 23.41 -1.67 -49.97
C GLN A 570 22.43 -2.76 -50.34
N GLN A 571 22.86 -4.01 -50.17
CA GLN A 571 22.00 -5.17 -50.34
C GLN A 571 21.14 -5.35 -49.09
N LYS A 572 19.83 -5.14 -49.23
CA LYS A 572 18.91 -5.25 -48.11
C LYS A 572 18.71 -6.72 -47.72
N ARG A 573 18.88 -7.01 -46.43
CA ARG A 573 18.76 -8.39 -45.95
C ARG A 573 17.29 -8.81 -45.93
N PRO A 574 16.96 -10.00 -46.41
CA PRO A 574 15.58 -10.47 -46.33
C PRO A 574 15.13 -10.60 -44.89
N PHE A 575 13.80 -10.58 -44.71
CA PHE A 575 13.22 -10.56 -43.37
C PHE A 575 13.64 -11.76 -42.53
N GLU A 576 14.01 -12.86 -43.18
CA GLU A 576 14.45 -14.07 -42.48
C GLU A 576 15.95 -14.10 -42.22
N GLU A 577 16.68 -13.08 -42.65
CA GLU A 577 18.13 -13.05 -42.50
C GLU A 577 18.63 -11.91 -41.62
N HIS A 578 17.73 -11.19 -40.95
CA HIS A 578 18.12 -10.16 -40.00
C HIS A 578 17.22 -10.31 -38.77
N TRP A 579 17.37 -9.38 -37.81
CA TRP A 579 16.66 -9.51 -36.55
C TRP A 579 15.92 -8.26 -36.08
N ARG A 580 15.90 -7.18 -36.86
CA ARG A 580 15.05 -6.05 -36.49
C ARG A 580 13.60 -6.45 -36.79
N LYS A 581 13.03 -7.21 -35.85
CA LYS A 581 11.71 -7.80 -35.93
C LYS A 581 11.36 -8.31 -34.54
N HIS A 582 10.06 -8.31 -34.21
CA HIS A 582 9.62 -8.83 -32.93
C HIS A 582 9.65 -10.35 -32.92
N THR A 583 9.87 -10.92 -31.74
CA THR A 583 9.69 -12.35 -31.54
C THR A 583 8.24 -12.62 -31.14
N LEU A 584 7.64 -13.62 -31.77
CA LEU A 584 6.32 -14.10 -31.39
C LEU A 584 6.46 -15.53 -30.90
N SER A 585 5.99 -15.78 -29.67
CA SER A 585 6.12 -17.09 -29.05
C SER A 585 4.75 -17.69 -28.78
N TYR A 586 4.64 -19.00 -29.01
CA TYR A 586 3.45 -19.78 -28.69
C TYR A 586 3.90 -21.00 -27.89
N VAL A 587 2.96 -21.59 -27.15
CA VAL A 587 3.27 -22.79 -26.36
C VAL A 587 2.12 -23.78 -26.51
N ASP A 588 2.46 -25.02 -26.82
CA ASP A 588 1.52 -26.13 -26.67
C ASP A 588 1.54 -26.53 -25.20
N VAL A 589 0.46 -26.18 -24.47
CA VAL A 589 0.47 -26.24 -23.01
C VAL A 589 0.76 -27.66 -22.51
N LYS A 590 0.24 -28.68 -23.21
CA LYS A 590 0.44 -30.05 -22.75
C LYS A 590 1.90 -30.44 -22.80
N SER A 591 2.56 -30.26 -23.95
CA SER A 591 3.95 -30.66 -24.08
C SER A 591 4.92 -29.67 -23.45
N GLY A 592 4.58 -28.38 -23.51
CA GLY A 592 5.53 -27.34 -23.20
C GLY A 592 6.34 -26.85 -24.38
N LYS A 593 6.13 -27.44 -25.56
CA LYS A 593 6.90 -27.08 -26.74
C LYS A 593 6.64 -25.62 -27.12
N VAL A 594 7.72 -24.89 -27.38
CA VAL A 594 7.65 -23.48 -27.73
C VAL A 594 7.80 -23.33 -29.24
N THR A 595 6.91 -22.55 -29.85
CA THR A 595 6.98 -22.19 -31.26
C THR A 595 7.31 -20.72 -31.39
N LEU A 596 8.16 -20.38 -32.35
CA LEU A 596 8.61 -19.01 -32.57
C LEU A 596 8.27 -18.58 -34.00
N LYS A 597 7.71 -17.38 -34.13
CA LYS A 597 7.61 -16.71 -35.42
C LYS A 597 8.10 -15.28 -35.23
N TYR A 598 7.91 -14.43 -36.24
CA TYR A 598 8.38 -13.05 -36.16
C TYR A 598 7.44 -12.15 -36.94
N ARG A 599 7.43 -10.88 -36.57
CA ARG A 599 6.64 -9.87 -37.27
C ARG A 599 7.45 -8.58 -37.35
N PRO A 600 7.20 -7.75 -38.36
CA PRO A 600 8.02 -6.55 -38.55
C PRO A 600 7.76 -5.49 -37.49
N VAL A 601 8.78 -4.66 -37.28
CA VAL A 601 8.67 -3.48 -36.41
C VAL A 601 7.98 -2.36 -37.17
N ILE A 602 7.00 -1.72 -36.53
CA ILE A 602 6.30 -0.60 -37.14
C ILE A 602 7.18 0.64 -37.03
N ASP A 603 7.65 1.14 -38.18
CA ASP A 603 8.56 2.27 -38.20
C ASP A 603 7.87 3.61 -38.40
N ARG A 604 6.64 3.62 -38.91
CA ARG A 604 5.96 4.88 -39.19
C ARG A 604 5.37 5.46 -37.91
N THR A 605 5.33 6.80 -37.86
CA THR A 605 4.70 7.49 -36.75
C THR A 605 3.20 7.63 -37.05
N LEU A 606 2.49 8.40 -36.23
CA LEU A 606 1.09 8.70 -36.50
C LEU A 606 0.92 9.83 -37.51
N ASN A 607 1.98 10.61 -37.74
CA ASN A 607 1.95 11.75 -38.65
C ASN A 607 3.39 12.20 -38.95
N GLU A 608 3.91 11.84 -40.12
CA GLU A 608 5.32 12.08 -40.43
C GLU A 608 5.62 13.57 -40.55
N GLU A 609 4.63 14.38 -40.91
CA GLU A 609 4.83 15.82 -40.96
C GLU A 609 4.84 16.45 -39.58
N ASP A 610 4.30 15.77 -38.57
CA ASP A 610 4.32 16.27 -37.20
C ASP A 610 5.43 15.64 -36.37
N CYS A 611 5.96 14.49 -36.79
CA CYS A 611 6.91 13.75 -35.97
C CYS A 611 7.63 12.78 -36.90
N SER A 612 8.85 13.13 -37.29
CA SER A 612 9.58 12.35 -38.28
C SER A 612 9.95 10.98 -37.72
N SER A 613 9.83 9.96 -38.57
CA SER A 613 10.28 8.63 -38.21
C SER A 613 11.79 8.62 -38.05
N VAL A 614 12.26 7.87 -37.05
CA VAL A 614 13.68 7.82 -36.71
C VAL A 614 14.25 6.52 -37.28
N PRO A 615 15.05 6.57 -38.33
CA PRO A 615 15.65 5.35 -38.87
C PRO A 615 16.70 4.81 -37.91
N PRO A 616 17.00 3.52 -37.97
CA PRO A 616 18.00 2.97 -37.05
C PRO A 616 19.37 3.60 -37.25
N ALA A 617 20.05 3.87 -36.14
CA ALA A 617 21.39 4.43 -36.16
C ALA A 617 22.23 3.70 -35.11
N ILE A 618 23.49 4.09 -35.00
CA ILE A 618 24.34 3.54 -33.95
C ILE A 618 23.82 4.05 -32.60
N ARG A 619 23.95 3.21 -31.58
CA ARG A 619 23.37 3.48 -30.27
C ARG A 619 24.48 3.53 -29.23
N SER A 620 24.80 4.74 -28.77
CA SER A 620 25.80 4.93 -27.74
C SER A 620 25.36 6.06 -26.82
N TYR A 621 25.81 5.98 -25.57
CA TYR A 621 25.44 6.99 -24.58
C TYR A 621 26.68 7.66 -23.99
N THR B 8 26.30 -24.56 12.84
CA THR B 8 26.06 -23.76 14.03
C THR B 8 24.64 -23.20 14.01
N SER B 9 23.66 -24.10 13.93
CA SER B 9 22.27 -23.69 13.72
C SER B 9 21.72 -22.97 14.94
N ARG B 10 20.88 -21.98 14.67
CA ARG B 10 20.16 -21.23 15.70
C ARG B 10 18.68 -21.42 15.46
N ILE B 11 18.04 -22.25 16.28
CA ILE B 11 16.65 -22.64 16.08
C ILE B 11 15.74 -21.67 16.83
N LYS B 12 14.94 -20.93 16.09
CA LYS B 12 13.97 -19.98 16.63
C LYS B 12 12.58 -20.58 16.60
N LYS B 13 11.78 -20.28 17.60
CA LYS B 13 10.42 -20.78 17.71
C LYS B 13 9.43 -19.67 17.40
N PHE B 14 8.44 -19.97 16.57
CA PHE B 14 7.31 -19.09 16.30
C PHE B 14 6.03 -19.83 16.69
N SER B 15 5.07 -19.09 17.25
CA SER B 15 3.75 -19.64 17.57
C SER B 15 2.71 -18.79 16.85
N ILE B 16 1.91 -19.42 15.99
CA ILE B 16 1.10 -18.72 15.01
C ILE B 16 -0.35 -19.16 15.10
N TYR B 17 -1.25 -18.19 15.04
CA TYR B 17 -2.69 -18.43 15.05
C TYR B 17 -3.15 -19.19 13.81
N ARG B 18 -3.96 -20.23 14.01
CA ARG B 18 -4.46 -21.07 12.92
C ARG B 18 -5.97 -21.25 13.03
N TRP B 19 -6.69 -20.98 11.94
CA TRP B 19 -8.10 -21.36 11.83
C TRP B 19 -8.43 -21.68 10.38
N ASP B 20 -9.13 -22.80 10.17
CA ASP B 20 -9.46 -23.28 8.83
C ASP B 20 -10.97 -23.22 8.62
N PRO B 21 -11.49 -22.30 7.80
CA PRO B 21 -12.94 -22.21 7.60
C PRO B 21 -13.52 -23.37 6.79
N ASP B 22 -12.69 -24.14 6.09
CA ASP B 22 -13.18 -25.31 5.36
C ASP B 22 -13.25 -26.56 6.22
N LYS B 23 -12.77 -26.51 7.46
CA LYS B 23 -12.90 -27.65 8.37
C LYS B 23 -14.08 -27.39 9.30
N PRO B 24 -15.20 -28.08 9.14
CA PRO B 24 -16.35 -27.84 10.02
C PRO B 24 -16.01 -28.18 11.47
N GLY B 25 -16.38 -27.28 12.38
CA GLY B 25 -16.07 -27.43 13.78
C GLY B 25 -14.65 -27.09 14.16
N ASP B 26 -13.84 -26.61 13.22
CA ASP B 26 -12.46 -26.27 13.52
C ASP B 26 -12.39 -25.14 14.53
N LYS B 27 -11.49 -25.26 15.50
CA LYS B 27 -11.34 -24.25 16.53
C LYS B 27 -9.97 -23.59 16.43
N PRO B 28 -9.89 -22.28 16.72
CA PRO B 28 -8.61 -21.58 16.60
C PRO B 28 -7.58 -22.11 17.58
N ARG B 29 -6.38 -22.40 17.06
CA ARG B 29 -5.28 -22.94 17.85
C ARG B 29 -4.03 -22.13 17.56
N MET B 30 -2.92 -22.48 18.23
CA MET B 30 -1.63 -21.82 18.05
C MET B 30 -0.61 -22.89 17.68
N GLN B 31 -0.15 -22.88 16.44
CA GLN B 31 0.82 -23.87 15.98
C GLN B 31 2.24 -23.31 16.10
N THR B 32 3.17 -24.19 16.44
CA THR B 32 4.56 -23.83 16.69
C THR B 32 5.45 -24.40 15.59
N TYR B 33 6.33 -23.58 15.06
CA TYR B 33 7.31 -24.00 14.06
C TYR B 33 8.70 -23.58 14.52
N GLU B 34 9.70 -24.37 14.12
CA GLU B 34 11.09 -24.09 14.45
C GLU B 34 11.88 -23.75 13.18
N VAL B 35 12.54 -22.59 13.20
CA VAL B 35 13.20 -22.03 12.04
C VAL B 35 14.67 -21.78 12.36
N ASP B 36 15.55 -22.32 11.52
CA ASP B 36 16.99 -22.06 11.65
C ASP B 36 17.29 -20.68 11.07
N LEU B 37 17.59 -19.72 11.95
CA LEU B 37 17.83 -18.35 11.53
C LEU B 37 19.06 -18.23 10.63
N ASN B 38 20.01 -19.16 10.74
CA ASN B 38 21.16 -19.18 9.85
C ASN B 38 20.80 -19.50 8.41
N LYS B 39 19.59 -20.00 8.16
CA LYS B 39 19.13 -20.33 6.82
C LYS B 39 17.81 -19.62 6.52
N CYS B 40 17.69 -18.37 6.97
CA CYS B 40 16.49 -17.58 6.79
C CYS B 40 16.87 -16.10 6.73
N GLY B 41 16.06 -15.33 5.99
CA GLY B 41 16.20 -13.89 5.94
C GLY B 41 16.01 -13.24 7.29
N PRO B 42 16.20 -11.92 7.36
CA PRO B 42 16.19 -11.25 8.66
C PRO B 42 14.81 -10.88 9.19
N MET B 43 13.77 -10.91 8.35
CA MET B 43 12.47 -10.38 8.70
C MET B 43 11.47 -11.50 8.95
N VAL B 44 10.42 -11.17 9.70
CA VAL B 44 9.42 -12.16 10.08
C VAL B 44 8.76 -12.77 8.85
N LEU B 45 8.49 -11.94 7.83
CA LEU B 45 7.85 -12.45 6.63
C LEU B 45 8.71 -13.52 5.95
N ASP B 46 10.03 -13.30 5.92
CA ASP B 46 10.93 -14.33 5.40
C ASP B 46 10.75 -15.64 6.15
N ALA B 47 10.39 -15.59 7.44
CA ALA B 47 10.16 -16.80 8.21
C ALA B 47 8.80 -17.41 7.88
N LEU B 48 7.76 -16.58 7.77
CA LEU B 48 6.46 -17.07 7.29
C LEU B 48 6.60 -17.76 5.94
N ILE B 49 7.37 -17.17 5.02
CA ILE B 49 7.50 -17.74 3.68
C ILE B 49 8.31 -19.03 3.72
N LYS B 50 9.38 -19.05 4.53
CA LYS B 50 10.18 -20.27 4.68
C LYS B 50 9.36 -21.38 5.35
N ILE B 51 8.55 -21.01 6.34
CA ILE B 51 7.66 -21.98 6.97
C ILE B 51 6.68 -22.54 5.94
N LYS B 52 6.13 -21.67 5.09
CA LYS B 52 5.12 -22.12 4.13
C LYS B 52 5.75 -22.96 3.02
N ASN B 53 6.95 -22.60 2.58
CA ASN B 53 7.59 -23.35 1.50
C ASN B 53 8.04 -24.73 1.95
N GLU B 54 8.51 -24.85 3.19
CA GLU B 54 9.22 -26.05 3.61
C GLU B 54 8.54 -26.83 4.72
N LEU B 55 7.77 -26.19 5.60
CA LEU B 55 7.21 -26.88 6.77
C LEU B 55 5.72 -27.12 6.68
N ASP B 56 4.93 -26.15 6.18
CA ASP B 56 3.47 -26.26 6.25
C ASP B 56 2.87 -25.34 5.19
N SER B 57 2.66 -25.90 3.99
CA SER B 57 2.15 -25.13 2.86
C SER B 57 0.72 -24.65 3.06
N THR B 58 0.06 -24.98 4.18
CA THR B 58 -1.29 -24.53 4.42
C THR B 58 -1.36 -23.22 5.20
N LEU B 59 -0.23 -22.73 5.69
CA LEU B 59 -0.21 -21.48 6.46
C LEU B 59 -0.50 -20.30 5.53
N THR B 60 -1.55 -19.55 5.83
CA THR B 60 -2.13 -18.59 4.89
C THR B 60 -2.03 -17.17 5.44
N PHE B 61 -1.58 -16.25 4.59
CA PHE B 61 -1.35 -14.86 4.96
C PHE B 61 -1.26 -14.02 3.70
N ARG B 62 -1.41 -12.71 3.86
CA ARG B 62 -1.35 -11.75 2.76
C ARG B 62 0.07 -11.18 2.64
N ARG B 63 0.62 -11.17 1.43
CA ARG B 63 1.91 -10.55 1.19
C ARG B 63 2.05 -10.22 -0.30
N SER B 64 2.97 -9.30 -0.60
CA SER B 64 3.29 -8.93 -1.96
C SER B 64 4.64 -8.23 -2.05
N CYS B 65 4.71 -6.96 -1.59
CA CYS B 65 5.86 -6.12 -1.94
C CYS B 65 7.14 -6.55 -1.23
N ARG B 66 7.03 -7.17 -0.06
CA ARG B 66 8.15 -7.53 0.83
C ARG B 66 9.14 -6.38 1.06
N GLU B 67 8.76 -5.12 0.84
CA GLU B 67 9.65 -4.01 1.17
C GLU B 67 8.94 -2.91 1.97
N GLY B 68 7.76 -3.18 2.51
CA GLY B 68 7.09 -2.25 3.40
C GLY B 68 6.35 -1.11 2.73
N ILE B 69 5.94 -1.27 1.48
CA ILE B 69 5.27 -0.19 0.76
C ILE B 69 3.83 -0.51 0.38
N CYS B 70 3.44 -1.78 0.26
CA CYS B 70 2.08 -2.06 -0.23
C CYS B 70 1.06 -2.20 0.88
N GLY B 71 1.47 -2.62 2.08
CA GLY B 71 0.57 -2.76 3.20
C GLY B 71 -0.04 -4.12 3.38
N SER B 72 0.30 -5.09 2.51
CA SER B 72 -0.44 -6.35 2.49
C SER B 72 -0.31 -7.13 3.80
N CYS B 73 0.88 -7.12 4.41
CA CYS B 73 1.25 -8.12 5.40
C CYS B 73 1.11 -7.63 6.84
N ALA B 74 0.24 -6.66 7.10
CA ALA B 74 0.01 -6.21 8.46
C ALA B 74 -0.47 -7.36 9.33
N MET B 75 0.04 -7.43 10.56
CA MET B 75 -0.38 -8.45 11.51
C MET B 75 0.17 -8.09 12.89
N ASN B 76 -0.21 -8.88 13.89
CA ASN B 76 0.23 -8.65 15.27
C ASN B 76 1.42 -9.57 15.56
N ILE B 77 2.60 -8.97 15.72
CA ILE B 77 3.83 -9.70 15.97
C ILE B 77 4.40 -9.25 17.31
N ALA B 78 4.68 -10.22 18.18
CA ALA B 78 5.21 -9.95 19.53
C ALA B 78 4.38 -8.88 20.24
N GLY B 79 3.06 -8.96 20.07
CA GLY B 79 2.14 -8.08 20.77
C GLY B 79 1.76 -6.80 20.06
N GLY B 80 2.41 -6.45 18.95
CA GLY B 80 2.16 -5.18 18.29
C GLY B 80 1.87 -5.32 16.82
N ASN B 81 1.03 -4.41 16.32
CA ASN B 81 0.66 -4.37 14.90
C ASN B 81 1.82 -3.83 14.09
N THR B 82 2.31 -4.62 13.13
CA THR B 82 3.42 -4.18 12.29
C THR B 82 3.34 -4.88 10.94
N LEU B 83 4.24 -4.51 10.04
CA LEU B 83 4.41 -5.20 8.77
C LEU B 83 5.44 -6.30 8.95
N ALA B 84 5.04 -7.54 8.58
CA ALA B 84 5.93 -8.68 8.72
C ALA B 84 7.19 -8.55 7.87
N CYS B 85 7.20 -7.69 6.85
CA CYS B 85 8.36 -7.63 5.95
C CYS B 85 9.38 -6.57 6.36
N THR B 86 9.05 -5.65 7.26
CA THR B 86 10.02 -4.69 7.79
C THR B 86 10.29 -4.91 9.28
N LYS B 87 9.92 -6.08 9.81
CA LYS B 87 10.00 -6.37 11.25
C LYS B 87 11.07 -7.42 11.47
N LYS B 88 12.19 -7.02 12.08
CA LYS B 88 13.30 -7.94 12.30
C LYS B 88 12.89 -9.10 13.20
N ILE B 89 13.35 -10.30 12.84
CA ILE B 89 13.16 -11.44 13.71
C ILE B 89 13.95 -11.25 15.00
N ASP B 90 13.30 -11.48 16.12
CA ASP B 90 13.98 -11.43 17.43
C ASP B 90 14.92 -12.63 17.55
N PRO B 91 16.24 -12.43 17.52
CA PRO B 91 17.16 -13.57 17.54
C PRO B 91 17.37 -14.19 18.91
N ASP B 92 16.68 -13.72 19.94
CA ASP B 92 16.74 -14.33 21.27
C ASP B 92 16.00 -15.67 21.22
N LEU B 93 16.76 -16.76 21.10
CA LEU B 93 16.16 -18.08 21.01
C LEU B 93 15.46 -18.52 22.30
N SER B 94 15.55 -17.74 23.38
CA SER B 94 14.86 -18.06 24.62
C SER B 94 13.47 -17.46 24.70
N LYS B 95 12.98 -16.86 23.61
CA LYS B 95 11.64 -16.30 23.58
C LYS B 95 10.96 -16.73 22.29
N THR B 96 9.74 -17.24 22.41
CA THR B 96 8.95 -17.64 21.27
C THR B 96 8.16 -16.46 20.74
N THR B 97 8.25 -16.21 19.43
CA THR B 97 7.50 -15.13 18.80
C THR B 97 6.08 -15.58 18.54
N LYS B 98 5.11 -14.82 19.06
CA LYS B 98 3.69 -15.10 18.87
C LYS B 98 3.16 -14.20 17.76
N ILE B 99 2.45 -14.79 16.79
CA ILE B 99 1.94 -14.06 15.63
C ILE B 99 0.43 -14.27 15.55
N TYR B 100 -0.31 -13.15 15.47
CA TYR B 100 -1.76 -13.14 15.40
C TYR B 100 -2.24 -12.29 14.23
N PRO B 101 -3.50 -12.43 13.83
CA PRO B 101 -4.08 -11.48 12.88
C PRO B 101 -4.26 -10.12 13.52
N LEU B 102 -4.55 -9.14 12.68
CA LEU B 102 -4.89 -7.83 13.19
C LEU B 102 -6.00 -7.97 14.24
N PRO B 103 -5.90 -7.25 15.37
CA PRO B 103 -6.77 -7.54 16.50
C PRO B 103 -8.22 -7.12 16.28
N HIS B 104 -9.13 -7.86 16.91
CA HIS B 104 -10.56 -7.56 16.91
C HIS B 104 -11.09 -7.40 15.48
N MET B 105 -10.86 -8.45 14.68
CA MET B 105 -11.30 -8.51 13.29
C MET B 105 -11.78 -9.91 12.98
N TYR B 106 -12.73 -10.02 12.05
CA TYR B 106 -13.21 -11.33 11.65
C TYR B 106 -12.13 -12.05 10.85
N VAL B 107 -11.88 -13.31 11.19
CA VAL B 107 -10.79 -14.06 10.58
C VAL B 107 -11.35 -14.86 9.39
N VAL B 108 -10.93 -14.49 8.19
CA VAL B 108 -11.26 -15.29 7.01
C VAL B 108 -10.59 -16.66 7.11
N LYS B 109 -9.28 -16.66 7.40
CA LYS B 109 -8.49 -17.87 7.54
C LYS B 109 -7.14 -17.48 8.08
N ASP B 110 -6.62 -18.28 9.02
CA ASP B 110 -5.30 -18.10 9.62
C ASP B 110 -5.01 -16.62 9.92
N LEU B 111 -4.11 -16.00 9.16
CA LEU B 111 -3.66 -14.65 9.44
C LEU B 111 -4.36 -13.59 8.58
N VAL B 112 -5.40 -13.97 7.85
CA VAL B 112 -6.05 -13.09 6.89
C VAL B 112 -7.33 -12.52 7.54
N PRO B 113 -7.38 -11.23 7.85
CA PRO B 113 -8.63 -10.63 8.35
C PRO B 113 -9.51 -10.10 7.22
N ASP B 114 -10.74 -9.74 7.59
CA ASP B 114 -11.69 -9.12 6.68
C ASP B 114 -11.61 -7.60 6.85
N LEU B 115 -11.12 -6.92 5.81
CA LEU B 115 -10.89 -5.48 5.82
C LEU B 115 -11.96 -4.68 5.08
N SER B 116 -13.06 -5.31 4.65
CA SER B 116 -13.99 -4.59 3.77
C SER B 116 -14.66 -3.42 4.48
N ASN B 117 -14.87 -3.51 5.79
CA ASN B 117 -15.41 -2.35 6.50
C ASN B 117 -14.39 -1.23 6.57
N PHE B 118 -13.13 -1.56 6.78
CA PHE B 118 -12.06 -0.56 6.77
C PHE B 118 -11.95 0.11 5.40
N TYR B 119 -12.03 -0.67 4.31
CA TYR B 119 -12.05 -0.10 2.96
C TYR B 119 -13.28 0.77 2.73
N ALA B 120 -14.44 0.33 3.19
CA ALA B 120 -15.67 1.09 2.95
C ALA B 120 -15.66 2.41 3.71
N GLN B 121 -15.15 2.41 4.94
CA GLN B 121 -15.02 3.65 5.70
C GLN B 121 -14.11 4.63 4.98
N TYR B 122 -13.07 4.12 4.33
CA TYR B 122 -12.19 4.97 3.52
C TYR B 122 -12.94 5.55 2.33
N LYS B 123 -13.71 4.73 1.62
CA LYS B 123 -14.56 5.24 0.55
C LYS B 123 -15.48 6.35 1.06
N SER B 124 -15.99 6.23 2.29
CA SER B 124 -16.99 7.16 2.78
C SER B 124 -16.49 8.60 2.89
N ILE B 125 -15.18 8.83 3.02
CA ILE B 125 -14.69 10.19 3.21
C ILE B 125 -14.35 10.86 1.89
N GLU B 126 -14.65 10.19 0.77
CA GLU B 126 -14.39 10.71 -0.57
C GLU B 126 -12.94 11.12 -0.73
N PRO B 127 -12.01 10.17 -0.71
CA PRO B 127 -10.57 10.53 -0.72
C PRO B 127 -10.03 10.83 -2.11
N TYR B 128 -10.41 11.98 -2.65
CA TYR B 128 -9.99 12.41 -3.98
C TYR B 128 -10.18 13.91 -4.10
N LEU B 129 -9.37 14.53 -4.94
CA LEU B 129 -9.41 15.98 -5.08
C LEU B 129 -10.76 16.41 -5.64
N LYS B 130 -11.40 17.35 -4.96
CA LYS B 130 -12.69 17.88 -5.37
C LYS B 130 -12.60 19.39 -5.50
N LYS B 131 -13.06 19.92 -6.63
CA LYS B 131 -13.17 21.36 -6.83
C LYS B 131 -14.62 21.70 -7.18
N LYS B 132 -15.01 22.94 -6.86
CA LYS B 132 -16.34 23.40 -7.22
C LYS B 132 -16.53 23.44 -8.74
N ASP B 133 -15.52 23.90 -9.46
CA ASP B 133 -15.54 23.99 -10.92
C ASP B 133 -14.55 22.97 -11.45
N GLU B 134 -15.06 21.81 -11.84
CA GLU B 134 -14.23 20.76 -12.42
C GLU B 134 -14.34 20.72 -13.95
N SER B 135 -14.70 21.85 -14.57
CA SER B 135 -14.84 21.92 -16.03
C SER B 135 -13.50 22.03 -16.74
N LYS B 136 -12.46 22.49 -16.06
CA LYS B 136 -11.12 22.55 -16.63
C LYS B 136 -10.25 21.40 -16.16
N GLN B 137 -10.86 20.30 -15.72
CA GLN B 137 -10.12 19.08 -15.39
C GLN B 137 -9.34 18.60 -16.60
N GLY B 138 -8.03 18.46 -16.45
CA GLY B 138 -7.19 17.93 -17.50
C GLY B 138 -6.58 18.95 -18.46
N LYS B 139 -6.87 20.24 -18.29
CA LYS B 139 -6.33 21.27 -19.16
C LYS B 139 -4.95 21.74 -18.71
N GLU B 140 -4.82 22.16 -17.45
CA GLU B 140 -3.56 22.71 -16.94
C GLU B 140 -3.28 22.15 -15.56
N GLN B 141 -1.99 22.06 -15.23
CA GLN B 141 -1.60 21.63 -13.90
C GLN B 141 -2.02 22.70 -12.90
N TYR B 142 -2.66 22.26 -11.81
CA TYR B 142 -2.97 23.19 -10.75
C TYR B 142 -1.69 23.66 -10.08
N LEU B 143 -1.68 24.90 -9.61
CA LEU B 143 -0.53 25.44 -8.92
C LEU B 143 -0.60 25.10 -7.44
N GLN B 144 0.55 24.81 -6.84
CA GLN B 144 0.65 24.61 -5.41
C GLN B 144 2.05 24.98 -4.99
N SER B 145 2.17 25.91 -4.05
CA SER B 145 3.49 26.33 -3.60
C SER B 145 4.19 25.17 -2.90
N ILE B 146 5.52 25.24 -2.89
CA ILE B 146 6.33 24.29 -2.14
C ILE B 146 5.88 24.23 -0.68
N GLU B 147 5.43 25.37 -0.14
CA GLU B 147 5.04 25.43 1.26
C GLU B 147 3.76 24.65 1.50
N ASP B 148 2.72 24.89 0.68
CA ASP B 148 1.46 24.18 0.81
C ASP B 148 1.61 22.70 0.51
N ARG B 149 2.57 22.34 -0.35
CA ARG B 149 2.84 20.93 -0.60
C ARG B 149 3.52 20.28 0.58
N GLN B 150 4.37 21.03 1.30
CA GLN B 150 5.04 20.47 2.47
C GLN B 150 4.03 20.04 3.52
N LYS B 151 2.88 20.71 3.60
CA LYS B 151 1.85 20.37 4.57
C LYS B 151 1.30 18.97 4.38
N LEU B 152 1.53 18.35 3.22
CA LEU B 152 1.08 16.98 2.99
C LEU B 152 2.09 15.94 3.46
N ASP B 153 3.34 16.34 3.69
CA ASP B 153 4.33 15.41 4.22
C ASP B 153 3.88 14.89 5.58
N GLY B 154 4.10 13.59 5.80
CA GLY B 154 3.58 12.93 6.98
C GLY B 154 2.15 12.43 6.82
N LEU B 155 1.43 12.86 5.79
CA LEU B 155 0.04 12.46 5.56
C LEU B 155 -0.13 11.55 4.36
N TYR B 156 0.44 11.92 3.20
CA TYR B 156 0.19 11.17 1.97
C TYR B 156 0.89 9.83 1.95
N GLU B 157 1.92 9.63 2.78
CA GLU B 157 2.72 8.41 2.75
C GLU B 157 1.98 7.19 3.28
N CYS B 158 0.80 7.37 3.86
CA CYS B 158 0.08 6.25 4.46
C CYS B 158 -0.17 5.16 3.42
N ILE B 159 0.03 3.91 3.83
CA ILE B 159 -0.10 2.76 2.92
C ILE B 159 -1.35 1.94 3.19
N LEU B 160 -2.27 2.44 4.02
CA LEU B 160 -3.55 1.79 4.32
C LEU B 160 -3.36 0.34 4.74
N CYS B 161 -2.42 0.11 5.65
CA CYS B 161 -2.17 -1.24 6.17
C CYS B 161 -3.14 -1.64 7.27
N ALA B 162 -3.80 -0.66 7.90
CA ALA B 162 -4.78 -0.86 8.98
C ALA B 162 -4.13 -1.29 10.30
N CYS B 163 -2.82 -1.09 10.47
CA CYS B 163 -2.19 -1.38 11.75
C CYS B 163 -2.67 -0.43 12.84
N CYS B 164 -2.81 0.86 12.50
CA CYS B 164 -3.19 1.84 13.50
C CYS B 164 -4.63 1.64 13.98
N SER B 165 -5.59 1.58 13.04
CA SER B 165 -6.99 1.46 13.42
C SER B 165 -7.25 0.19 14.24
N THR B 166 -6.65 -0.93 13.83
CA THR B 166 -6.84 -2.17 14.58
C THR B 166 -5.99 -2.23 15.84
N SER B 167 -5.25 -1.17 16.16
CA SER B 167 -4.63 -1.04 17.49
C SER B 167 -5.39 -0.09 18.40
N CYS B 168 -6.47 0.53 17.93
CA CYS B 168 -7.17 1.53 18.70
C CYS B 168 -8.33 0.90 19.46
N PRO B 169 -8.36 0.97 20.80
CA PRO B 169 -9.48 0.39 21.54
C PRO B 169 -10.82 0.98 21.16
N SER B 170 -10.85 2.25 20.77
CA SER B 170 -12.11 2.85 20.33
C SER B 170 -12.61 2.22 19.04
N TYR B 171 -11.70 1.84 18.15
CA TYR B 171 -12.09 1.11 16.95
C TYR B 171 -12.46 -0.33 17.29
N TRP B 172 -11.91 -0.86 18.38
CA TRP B 172 -12.32 -2.18 18.84
C TRP B 172 -13.78 -2.17 19.27
N TRP B 173 -14.20 -1.15 20.03
CA TRP B 173 -15.55 -1.12 20.56
C TRP B 173 -16.56 -0.46 19.63
N ASN B 174 -16.13 0.42 18.73
CA ASN B 174 -17.08 1.15 17.91
C ASN B 174 -16.62 1.22 16.45
N GLY B 175 -16.00 0.14 15.96
CA GLY B 175 -15.56 0.09 14.58
C GLY B 175 -16.68 0.23 13.56
N ASP B 176 -17.92 -0.02 13.96
CA ASP B 176 -19.02 0.14 13.00
C ASP B 176 -19.26 1.61 12.68
N LYS B 177 -19.00 2.51 13.63
CA LYS B 177 -19.30 3.93 13.45
C LYS B 177 -18.10 4.85 13.61
N TYR B 178 -17.04 4.43 14.29
CA TYR B 178 -15.83 5.22 14.40
C TYR B 178 -14.93 4.94 13.21
N LEU B 179 -14.50 6.01 12.52
CA LEU B 179 -13.81 5.84 11.25
C LEU B 179 -12.39 5.30 11.42
N GLY B 180 -11.78 5.54 12.59
CA GLY B 180 -10.46 5.03 12.86
C GLY B 180 -9.37 5.99 12.41
N PRO B 181 -8.16 5.82 12.96
CA PRO B 181 -7.10 6.78 12.67
C PRO B 181 -6.60 6.78 11.23
N ALA B 182 -6.56 5.63 10.53
CA ALA B 182 -6.11 5.65 9.14
C ALA B 182 -7.04 6.50 8.27
N VAL B 183 -8.34 6.20 8.32
CA VAL B 183 -9.31 6.94 7.52
C VAL B 183 -9.35 8.41 7.95
N LEU B 184 -9.33 8.67 9.26
CA LEU B 184 -9.39 10.05 9.73
C LEU B 184 -8.20 10.87 9.24
N MET B 185 -6.99 10.31 9.30
CA MET B 185 -5.84 11.06 8.81
C MET B 185 -5.93 11.32 7.30
N GLN B 186 -6.53 10.39 6.55
CA GLN B 186 -6.75 10.64 5.12
C GLN B 186 -7.78 11.75 4.90
N ALA B 187 -8.82 11.79 5.74
CA ALA B 187 -9.72 12.93 5.68
C ALA B 187 -8.96 14.25 5.86
N TYR B 188 -8.02 14.28 6.81
CA TYR B 188 -7.24 15.49 7.05
C TYR B 188 -6.29 15.80 5.90
N ARG B 189 -5.71 14.77 5.28
CA ARG B 189 -4.85 14.99 4.12
C ARG B 189 -5.57 15.73 3.00
N TRP B 190 -6.87 15.53 2.85
CA TRP B 190 -7.63 16.26 1.84
C TRP B 190 -8.16 17.60 2.36
N MET B 191 -8.45 17.70 3.67
CA MET B 191 -8.92 18.96 4.23
C MET B 191 -7.89 20.07 4.06
N ILE B 192 -6.60 19.75 4.18
CA ILE B 192 -5.56 20.76 4.12
C ILE B 192 -4.81 20.77 2.79
N ASP B 193 -5.26 19.99 1.81
CA ASP B 193 -4.70 20.13 0.46
C ASP B 193 -5.17 21.47 -0.11
N SER B 194 -4.22 22.37 -0.35
CA SER B 194 -4.56 23.70 -0.86
C SER B 194 -5.37 23.66 -2.16
N ARG B 195 -5.42 22.52 -2.86
CA ARG B 195 -6.13 22.44 -4.12
C ARG B 195 -7.58 21.99 -3.97
N ASP B 196 -8.02 21.65 -2.76
CA ASP B 196 -9.35 21.11 -2.54
C ASP B 196 -10.29 22.22 -2.06
N ASP B 197 -11.52 22.20 -2.57
CA ASP B 197 -12.51 23.25 -2.31
C ASP B 197 -13.63 22.80 -1.38
N TYR B 198 -13.53 21.62 -0.79
CA TYR B 198 -14.62 21.06 0.00
C TYR B 198 -14.22 20.88 1.45
N THR B 199 -13.34 21.74 1.96
CA THR B 199 -12.87 21.61 3.33
C THR B 199 -14.03 21.65 4.32
N GLU B 200 -14.88 22.67 4.21
CA GLU B 200 -16.04 22.78 5.09
C GLU B 200 -16.95 21.56 4.98
N GLU B 201 -17.11 21.03 3.76
CA GLU B 201 -17.98 19.86 3.58
C GLU B 201 -17.38 18.62 4.24
N ARG B 202 -16.04 18.49 4.21
CA ARG B 202 -15.41 17.33 4.82
C ARG B 202 -15.43 17.42 6.34
N LEU B 203 -15.29 18.63 6.92
CA LEU B 203 -15.49 18.78 8.36
C LEU B 203 -16.92 18.48 8.75
N ALA B 204 -17.89 18.99 7.97
CA ALA B 204 -19.30 18.81 8.32
C ALA B 204 -19.70 17.34 8.34
N GLN B 205 -18.99 16.49 7.60
CA GLN B 205 -19.29 15.07 7.61
C GLN B 205 -19.05 14.44 8.99
N LEU B 206 -18.21 15.05 9.81
CA LEU B 206 -17.81 14.47 11.08
C LEU B 206 -18.59 15.04 12.26
N GLN B 207 -19.77 15.61 12.00
CA GLN B 207 -20.60 16.22 13.05
C GLN B 207 -21.59 15.18 13.59
N ASP B 208 -21.05 14.24 14.33
CA ASP B 208 -21.84 13.21 14.99
C ASP B 208 -21.00 12.66 16.14
N PRO B 209 -21.60 11.89 17.06
CA PRO B 209 -20.81 11.44 18.23
C PRO B 209 -19.76 10.38 17.90
N PHE B 210 -19.74 9.79 16.71
CA PHE B 210 -18.95 8.59 16.49
C PHE B 210 -17.82 8.74 15.49
N SER B 211 -18.07 9.33 14.32
CA SER B 211 -17.13 9.26 13.19
C SER B 211 -15.73 9.73 13.60
N LEU B 212 -15.65 10.87 14.25
CA LEU B 212 -14.38 11.43 14.73
C LEU B 212 -14.24 11.38 16.23
N TYR B 213 -15.33 11.64 16.97
CA TYR B 213 -15.22 11.96 18.39
C TYR B 213 -15.15 10.75 19.30
N ARG B 214 -15.09 9.53 18.76
CA ARG B 214 -14.72 8.39 19.60
C ARG B 214 -13.21 8.35 19.89
N CYS B 215 -12.40 9.19 19.24
CA CYS B 215 -10.98 9.21 19.57
C CYS B 215 -10.76 9.92 20.89
N HIS B 216 -10.06 9.24 21.80
CA HIS B 216 -9.83 9.76 23.15
C HIS B 216 -8.33 9.93 23.43
N THR B 217 -7.51 10.01 22.37
CA THR B 217 -6.08 10.30 22.49
C THR B 217 -5.35 9.20 23.25
N ILE B 218 -5.71 7.95 22.97
CA ILE B 218 -4.99 6.81 23.56
C ILE B 218 -3.58 6.72 22.98
N MET B 219 -3.41 7.02 21.69
CA MET B 219 -2.13 7.08 20.98
C MET B 219 -1.48 5.71 20.76
N ASN B 220 -2.26 4.62 20.74
CA ASN B 220 -1.74 3.36 20.20
C ASN B 220 -1.45 3.47 18.71
N CYS B 221 -2.24 4.27 17.99
CA CYS B 221 -2.12 4.34 16.54
C CYS B 221 -0.74 4.84 16.12
N THR B 222 -0.26 5.93 16.74
CA THR B 222 1.04 6.47 16.38
C THR B 222 2.18 5.56 16.81
N ARG B 223 2.04 4.87 17.94
CA ARG B 223 3.10 3.97 18.38
C ARG B 223 3.29 2.84 17.37
N THR B 224 2.21 2.36 16.77
CA THR B 224 2.25 1.12 16.00
C THR B 224 2.51 1.34 14.50
N CYS B 225 2.38 2.55 13.99
CA CYS B 225 2.46 2.79 12.53
C CYS B 225 3.82 2.40 11.97
N PRO B 226 3.89 1.42 11.06
CA PRO B 226 5.19 1.00 10.51
C PRO B 226 5.82 2.03 9.57
N LYS B 227 5.07 3.04 9.15
CA LYS B 227 5.64 4.12 8.34
C LYS B 227 6.06 5.32 9.18
N GLY B 228 5.98 5.22 10.50
CA GLY B 228 6.37 6.31 11.37
C GLY B 228 5.50 7.53 11.30
N LEU B 229 4.23 7.37 10.95
CA LEU B 229 3.32 8.50 10.84
C LEU B 229 2.60 8.74 12.16
N ASN B 230 1.89 9.87 12.24
CA ASN B 230 1.22 10.30 13.48
C ASN B 230 -0.25 10.58 13.21
N PRO B 231 -1.06 9.55 13.07
CA PRO B 231 -2.51 9.78 12.92
C PRO B 231 -3.15 10.46 14.11
N GLY B 232 -2.62 10.26 15.33
CA GLY B 232 -3.18 10.93 16.49
C GLY B 232 -3.05 12.44 16.43
N LYS B 233 -1.88 12.94 16.00
CA LYS B 233 -1.76 14.39 15.80
C LYS B 233 -2.67 14.88 14.69
N ALA B 234 -2.88 14.08 13.65
CA ALA B 234 -3.79 14.48 12.59
C ALA B 234 -5.21 14.62 13.12
N ILE B 235 -5.64 13.65 13.93
CA ILE B 235 -6.97 13.71 14.54
C ILE B 235 -7.10 14.97 15.39
N ALA B 236 -6.09 15.28 16.20
CA ALA B 236 -6.15 16.47 17.04
C ALA B 236 -6.22 17.74 16.18
N GLU B 237 -5.54 17.75 15.04
CA GLU B 237 -5.64 18.91 14.15
C GLU B 237 -7.03 19.01 13.51
N ILE B 238 -7.66 17.87 13.23
CA ILE B 238 -9.04 17.89 12.75
C ILE B 238 -9.96 18.50 13.81
N LYS B 239 -9.84 18.04 15.06
CA LYS B 239 -10.71 18.50 16.13
C LYS B 239 -10.59 20.01 16.29
N LYS B 240 -9.38 20.55 16.18
CA LYS B 240 -9.22 22.00 16.28
C LYS B 240 -9.93 22.71 15.12
N MET B 241 -9.91 22.11 13.92
CA MET B 241 -10.64 22.69 12.79
C MET B 241 -12.15 22.60 12.98
N MET B 242 -12.63 21.48 13.52
CA MET B 242 -14.06 21.34 13.78
C MET B 242 -14.58 22.45 14.69
N ALA B 243 -13.76 22.87 15.66
CA ALA B 243 -14.22 23.81 16.68
C ALA B 243 -14.15 25.27 16.22
N THR B 244 -13.43 25.57 15.14
CA THR B 244 -13.21 26.96 14.75
C THR B 244 -13.78 27.35 13.39
N TYR B 245 -14.18 26.40 12.54
CA TYR B 245 -14.70 26.76 11.22
C TYR B 245 -16.12 27.30 11.34
N LYS B 246 -16.42 28.34 10.58
CA LYS B 246 -17.73 28.98 10.57
C LYS B 246 -18.40 28.72 9.23
N GLU B 247 -19.66 28.29 9.28
CA GLU B 247 -20.39 27.88 8.08
C GLU B 247 -20.82 29.08 7.24
N ALA C 2 -20.71 -1.83 -7.89
CA ALA C 2 -21.23 -0.47 -7.86
C ALA C 2 -21.97 -0.19 -6.55
N THR C 3 -21.42 -0.64 -5.44
CA THR C 3 -22.04 -0.49 -4.14
C THR C 3 -21.50 0.75 -3.43
N THR C 4 -22.39 1.49 -2.77
CA THR C 4 -21.98 2.62 -1.96
C THR C 4 -21.27 2.16 -0.68
N ALA C 5 -20.60 3.11 -0.03
CA ALA C 5 -19.88 2.78 1.19
C ALA C 5 -20.83 2.31 2.28
N LYS C 6 -21.95 3.02 2.46
CA LYS C 6 -22.96 2.60 3.44
C LYS C 6 -23.48 1.20 3.13
N GLU C 7 -23.67 0.89 1.84
CA GLU C 7 -24.10 -0.45 1.45
C GLU C 7 -23.03 -1.49 1.78
N GLU C 8 -21.77 -1.18 1.49
CA GLU C 8 -20.69 -2.10 1.81
C GLU C 8 -20.59 -2.37 3.31
N MET C 9 -20.78 -1.33 4.14
CA MET C 9 -20.75 -1.53 5.58
C MET C 9 -21.83 -2.52 6.01
N ALA C 10 -23.05 -2.34 5.51
CA ALA C 10 -24.15 -3.22 5.88
C ALA C 10 -23.87 -4.67 5.46
N ARG C 11 -23.33 -4.85 4.26
CA ARG C 11 -23.02 -6.21 3.81
C ARG C 11 -21.93 -6.86 4.66
N PHE C 12 -20.93 -6.08 5.08
CA PHE C 12 -19.90 -6.59 5.99
C PHE C 12 -20.54 -7.19 7.24
N TRP C 13 -21.35 -6.39 7.95
CA TRP C 13 -21.99 -6.86 9.17
C TRP C 13 -22.99 -7.97 8.90
N GLU C 14 -23.72 -7.88 7.79
CA GLU C 14 -24.74 -8.88 7.50
C GLU C 14 -24.13 -10.27 7.34
N LYS C 15 -22.95 -10.35 6.72
CA LYS C 15 -22.39 -11.66 6.42
C LYS C 15 -21.46 -12.18 7.51
N ASN C 16 -20.81 -11.29 8.27
CA ASN C 16 -19.88 -11.76 9.28
C ASN C 16 -20.59 -12.25 10.54
N THR C 17 -21.61 -11.51 11.01
CA THR C 17 -22.30 -11.93 12.25
C THR C 17 -23.05 -13.24 12.06
N LYS C 18 -23.52 -13.54 10.85
CA LYS C 18 -24.17 -14.82 10.60
C LYS C 18 -23.20 -15.87 10.06
N SER C 19 -21.90 -15.63 10.19
CA SER C 19 -20.88 -16.56 9.72
C SER C 19 -20.40 -17.45 10.86
N SER C 20 -19.48 -18.34 10.53
CA SER C 20 -18.77 -19.14 11.53
C SER C 20 -17.39 -18.56 11.83
N ARG C 21 -17.09 -17.38 11.31
CA ARG C 21 -15.77 -16.80 11.49
C ARG C 21 -15.57 -16.38 12.95
N PRO C 22 -14.41 -16.66 13.53
CA PRO C 22 -14.10 -16.14 14.86
C PRO C 22 -13.66 -14.68 14.80
N LEU C 23 -13.54 -14.09 15.98
CA LEU C 23 -13.01 -12.75 16.15
C LEU C 23 -11.56 -12.85 16.60
N SER C 24 -10.67 -12.14 15.91
CA SER C 24 -9.26 -12.20 16.27
C SER C 24 -9.06 -11.65 17.69
N PRO C 25 -8.20 -12.27 18.50
CA PRO C 25 -8.01 -11.79 19.87
C PRO C 25 -7.44 -10.38 19.91
N HIS C 26 -7.61 -9.74 21.07
CA HIS C 26 -7.24 -8.32 21.17
C HIS C 26 -6.71 -7.95 22.56
N ILE C 27 -7.59 -7.93 23.57
CA ILE C 27 -7.16 -7.60 24.92
C ILE C 27 -6.18 -8.63 25.46
N SER C 28 -6.43 -9.91 25.18
CA SER C 28 -5.60 -10.96 25.76
C SER C 28 -4.22 -11.06 25.12
N ILE C 29 -3.99 -10.41 23.99
CA ILE C 29 -2.73 -10.57 23.26
C ILE C 29 -1.97 -9.26 23.05
N TYR C 30 -2.61 -8.09 23.13
CA TYR C 30 -1.91 -6.88 22.71
C TYR C 30 -0.93 -6.41 23.79
N LYS C 31 0.22 -5.93 23.34
CA LYS C 31 1.28 -5.52 24.26
C LYS C 31 0.90 -4.22 24.95
N TRP C 32 1.12 -4.18 26.26
CA TRP C 32 0.78 -3.01 27.07
C TRP C 32 1.82 -1.91 26.90
N SER C 33 1.43 -0.69 27.26
CA SER C 33 2.38 0.41 27.30
C SER C 33 1.97 1.37 28.40
N LEU C 34 2.88 2.26 28.77
CA LEU C 34 2.58 3.20 29.84
C LEU C 34 1.55 4.23 29.37
N PRO C 35 1.61 4.73 28.13
CA PRO C 35 0.51 5.57 27.65
C PRO C 35 -0.85 4.90 27.69
N MET C 36 -0.96 3.63 27.28
CA MET C 36 -2.24 2.94 27.35
C MET C 36 -2.69 2.76 28.79
N ALA C 37 -1.77 2.36 29.67
CA ALA C 37 -2.12 2.20 31.08
C ALA C 37 -2.52 3.53 31.70
N MET C 38 -1.85 4.61 31.32
CA MET C 38 -2.17 5.92 31.89
C MET C 38 -3.47 6.48 31.33
N SER C 39 -3.92 5.97 30.18
CA SER C 39 -5.22 6.37 29.63
C SER C 39 -6.35 5.60 30.30
N ILE C 40 -6.12 4.31 30.58
CA ILE C 40 -7.08 3.53 31.35
C ILE C 40 -7.22 4.09 32.75
N THR C 41 -6.10 4.47 33.37
CA THR C 41 -6.14 5.01 34.71
C THR C 41 -6.83 6.37 34.76
N HIS C 42 -6.73 7.15 33.68
CA HIS C 42 -7.44 8.43 33.66
C HIS C 42 -8.95 8.22 33.67
N ARG C 43 -9.42 7.12 33.07
CA ARG C 43 -10.85 6.84 33.06
C ARG C 43 -11.30 6.24 34.39
N GLY C 44 -10.49 5.34 34.95
CA GLY C 44 -10.82 4.77 36.24
C GLY C 44 -10.92 5.84 37.32
N THR C 45 -9.96 6.76 37.34
CA THR C 45 -9.98 7.82 38.35
C THR C 45 -11.12 8.79 38.12
N GLY C 46 -11.42 9.10 36.85
CA GLY C 46 -12.57 9.94 36.56
C GLY C 46 -13.86 9.32 37.06
N VAL C 47 -14.09 8.07 36.67
CA VAL C 47 -15.32 7.38 37.09
C VAL C 47 -15.38 7.27 38.60
N ALA C 48 -14.25 6.97 39.25
CA ALA C 48 -14.23 6.81 40.70
C ALA C 48 -14.54 8.12 41.41
N LEU C 49 -14.02 9.24 40.89
CA LEU C 49 -14.29 10.53 41.50
C LEU C 49 -15.77 10.91 41.38
N SER C 50 -16.36 10.70 40.21
CA SER C 50 -17.78 11.00 40.01
C SER C 50 -18.65 10.15 40.93
N LEU C 51 -18.36 8.84 40.99
CA LEU C 51 -19.13 7.97 41.87
C LEU C 51 -18.94 8.36 43.33
N GLY C 52 -17.77 8.87 43.69
CA GLY C 52 -17.59 9.38 45.04
C GLY C 52 -18.37 10.66 45.27
N VAL C 53 -18.37 11.56 44.30
CA VAL C 53 -19.14 12.80 44.40
C VAL C 53 -20.63 12.49 44.52
N SER C 54 -21.10 11.47 43.80
CA SER C 54 -22.51 11.12 43.85
C SER C 54 -22.87 10.42 45.15
N LEU C 55 -21.95 9.64 45.72
CA LEU C 55 -22.23 9.02 47.01
C LEU C 55 -22.24 10.05 48.13
N PHE C 56 -21.39 11.07 48.02
CA PHE C 56 -21.40 12.15 49.00
C PHE C 56 -22.73 12.90 48.99
N SER C 57 -23.17 13.33 47.80
CA SER C 57 -24.42 14.08 47.71
C SER C 57 -25.61 13.23 48.14
N LEU C 58 -25.58 11.92 47.88
CA LEU C 58 -26.63 11.04 48.38
C LEU C 58 -26.61 10.96 49.90
N ALA C 59 -25.42 10.90 50.49
CA ALA C 59 -25.32 10.86 51.94
C ALA C 59 -25.86 12.15 52.56
N ALA C 60 -25.65 13.28 51.88
CA ALA C 60 -26.15 14.55 52.38
C ALA C 60 -27.67 14.62 52.37
N LEU C 61 -28.32 13.92 51.44
CA LEU C 61 -29.78 13.91 51.38
C LEU C 61 -30.41 12.86 52.27
N LEU C 62 -29.65 11.86 52.71
CA LEU C 62 -30.23 10.71 53.40
C LEU C 62 -29.65 10.41 54.77
N LEU C 63 -28.58 11.09 55.18
CA LEU C 63 -28.13 10.64 56.49
C LEU C 63 -28.75 11.48 57.59
N PRO C 64 -29.10 10.85 58.72
CA PRO C 64 -29.82 11.58 59.78
C PRO C 64 -28.93 12.49 60.60
N GLU C 65 -27.67 12.65 60.20
CA GLU C 65 -26.76 13.51 60.94
C GLU C 65 -25.98 14.38 59.96
N GLN C 66 -25.66 15.59 60.40
CA GLN C 66 -24.93 16.51 59.54
C GLN C 66 -23.44 16.19 59.54
N PHE C 67 -22.70 16.92 58.73
CA PHE C 67 -21.29 16.60 58.49
C PHE C 67 -20.43 16.76 59.74
N PRO C 68 -20.53 17.85 60.53
CA PRO C 68 -19.66 17.97 61.71
C PRO C 68 -19.80 16.83 62.71
N HIS C 69 -20.97 16.21 62.81
CA HIS C 69 -21.14 15.06 63.69
C HIS C 69 -20.21 13.92 63.29
N TYR C 70 -20.25 13.54 62.01
CA TYR C 70 -19.43 12.43 61.54
C TYR C 70 -17.94 12.76 61.55
N VAL C 71 -17.57 14.05 61.58
CA VAL C 71 -16.18 14.43 61.74
C VAL C 71 -15.75 14.26 63.19
N ALA C 72 -16.61 14.67 64.12
CA ALA C 72 -16.29 14.50 65.54
C ALA C 72 -16.22 13.02 65.91
N VAL C 73 -17.07 12.19 65.31
CA VAL C 73 -17.01 10.75 65.53
C VAL C 73 -15.63 10.20 65.15
N VAL C 74 -15.16 10.54 63.94
CA VAL C 74 -13.86 10.04 63.48
C VAL C 74 -12.73 10.53 64.40
N LYS C 75 -12.77 11.80 64.79
CA LYS C 75 -11.70 12.34 65.63
C LYS C 75 -11.64 11.65 66.99
N SER C 76 -12.77 11.13 67.47
CA SER C 76 -12.79 10.50 68.79
C SER C 76 -12.30 9.06 68.76
N LEU C 77 -12.09 8.48 67.58
CA LEU C 77 -11.47 7.16 67.50
C LEU C 77 -9.97 7.22 67.75
N SER C 78 -9.36 8.41 67.65
CA SER C 78 -7.93 8.61 67.85
C SER C 78 -7.11 7.62 67.03
N LEU C 79 -7.34 7.66 65.72
CA LEU C 79 -6.60 6.81 64.81
C LEU C 79 -5.14 7.30 64.72
N SER C 80 -4.27 6.40 64.26
CA SER C 80 -2.85 6.70 64.23
C SER C 80 -2.55 7.74 63.17
N PRO C 81 -1.46 8.51 63.33
CA PRO C 81 -1.10 9.48 62.29
C PRO C 81 -0.84 8.85 60.93
N ALA C 82 -0.24 7.66 60.90
CA ALA C 82 0.08 7.01 59.64
C ALA C 82 -1.18 6.52 58.92
N LEU C 83 -2.18 6.06 59.68
CA LEU C 83 -3.42 5.60 59.05
C LEU C 83 -4.24 6.76 58.54
N ILE C 84 -4.28 7.86 59.30
CA ILE C 84 -4.86 9.11 58.79
C ILE C 84 -4.14 9.56 57.53
N TYR C 85 -2.80 9.49 57.56
CA TYR C 85 -2.02 9.82 56.37
C TYR C 85 -2.35 8.87 55.21
N SER C 86 -2.42 7.57 55.51
CA SER C 86 -2.72 6.59 54.47
C SER C 86 -4.12 6.81 53.88
N ALA C 87 -5.09 7.17 54.72
CA ALA C 87 -6.43 7.46 54.20
C ALA C 87 -6.45 8.75 53.38
N LYS C 88 -5.66 9.75 53.80
CA LYS C 88 -5.61 11.00 53.04
C LYS C 88 -4.93 10.82 51.70
N PHE C 89 -3.89 9.99 51.65
CA PHE C 89 -3.23 9.70 50.37
C PHE C 89 -4.20 9.03 49.42
N ALA C 90 -4.96 8.05 49.91
CA ALA C 90 -5.85 7.29 49.03
C ALA C 90 -6.97 8.16 48.48
N LEU C 91 -7.38 9.20 49.21
CA LEU C 91 -8.43 10.07 48.70
C LEU C 91 -7.90 11.07 47.70
N VAL C 92 -6.68 11.57 47.91
CA VAL C 92 -6.18 12.64 47.06
C VAL C 92 -5.43 12.12 45.83
N PHE C 93 -4.87 10.91 45.90
CA PHE C 93 -4.19 10.33 44.74
C PHE C 93 -5.05 10.29 43.48
N PRO C 94 -6.30 9.80 43.52
CA PRO C 94 -7.11 9.79 42.29
C PRO C 94 -7.36 11.19 41.75
N LEU C 95 -7.72 12.12 42.63
CA LEU C 95 -7.92 13.49 42.19
C LEU C 95 -6.61 14.08 41.64
N SER C 96 -5.48 13.73 42.26
CA SER C 96 -4.21 14.27 41.81
C SER C 96 -3.83 13.73 40.44
N TYR C 97 -3.87 12.41 40.27
CA TYR C 97 -3.57 11.82 38.97
C TYR C 97 -4.47 12.42 37.89
N HIS C 98 -5.79 12.40 38.12
CA HIS C 98 -6.76 12.83 37.11
C HIS C 98 -6.60 14.31 36.78
N THR C 99 -6.26 15.14 37.77
CA THR C 99 -6.03 16.56 37.51
C THR C 99 -4.81 16.78 36.61
N TRP C 100 -3.66 16.21 36.98
CA TRP C 100 -2.45 16.42 36.19
C TRP C 100 -2.60 15.83 34.79
N ASN C 101 -3.09 14.58 34.71
CA ASN C 101 -3.31 13.99 33.41
C ASN C 101 -4.43 14.69 32.65
N GLY C 102 -5.33 15.37 33.35
CA GLY C 102 -6.32 16.19 32.66
C GLY C 102 -5.69 17.39 31.99
N ILE C 103 -4.70 18.00 32.64
CA ILE C 103 -3.94 19.09 32.03
C ILE C 103 -3.21 18.58 30.79
N ARG C 104 -2.67 17.38 30.87
CA ARG C 104 -2.04 16.75 29.72
C ARG C 104 -3.02 16.64 28.56
N HIS C 105 -4.25 16.21 28.83
CA HIS C 105 -5.26 16.10 27.78
C HIS C 105 -5.56 17.45 27.15
N LEU C 106 -5.65 18.50 27.96
CA LEU C 106 -5.98 19.81 27.41
C LEU C 106 -4.81 20.39 26.63
N VAL C 107 -3.59 19.98 26.95
CA VAL C 107 -2.44 20.29 26.11
C VAL C 107 -2.55 19.59 24.76
N TRP C 108 -2.89 18.30 24.78
CA TRP C 108 -3.13 17.59 23.53
C TRP C 108 -4.22 18.25 22.70
N ASP C 109 -5.28 18.73 23.35
CA ASP C 109 -6.40 19.31 22.61
C ASP C 109 -6.04 20.62 21.92
N MET C 110 -4.95 21.26 22.36
CA MET C 110 -4.39 22.38 21.60
C MET C 110 -3.45 21.91 20.49
N GLY C 111 -3.19 20.60 20.38
CA GLY C 111 -2.30 20.08 19.37
C GLY C 111 -0.84 20.04 19.74
N LYS C 112 -0.49 20.02 21.02
CA LYS C 112 0.89 20.08 21.46
C LYS C 112 1.30 18.80 22.17
N GLY C 113 2.54 18.37 21.96
CA GLY C 113 3.05 17.19 22.63
C GLY C 113 2.70 15.85 22.01
N PHE C 114 2.51 15.81 20.69
CA PHE C 114 2.04 14.57 20.07
C PHE C 114 3.16 13.67 19.54
N LYS C 115 4.39 14.15 19.47
CA LYS C 115 5.50 13.26 19.16
C LYS C 115 5.54 12.15 20.20
N LEU C 116 5.61 10.89 19.73
CA LEU C 116 5.49 9.75 20.65
C LEU C 116 6.47 9.86 21.81
N SER C 117 7.67 10.39 21.56
CA SER C 117 8.63 10.55 22.64
C SER C 117 8.20 11.64 23.62
N GLN C 118 7.45 12.66 23.14
CA GLN C 118 6.90 13.66 24.04
C GLN C 118 5.71 13.12 24.83
N VAL C 119 4.97 12.15 24.27
CA VAL C 119 3.89 11.52 25.01
C VAL C 119 4.44 10.79 26.22
N GLU C 120 5.58 10.12 26.05
CA GLU C 120 6.16 9.36 27.15
C GLU C 120 6.75 10.29 28.21
N GLN C 121 7.40 11.37 27.79
CA GLN C 121 7.91 12.37 28.73
C GLN C 121 6.78 12.96 29.57
N SER C 122 5.74 13.48 28.91
CA SER C 122 4.66 14.13 29.66
C SER C 122 3.96 13.15 30.60
N GLY C 123 3.94 11.86 30.26
CA GLY C 123 3.31 10.89 31.13
C GLY C 123 4.09 10.66 32.41
N VAL C 124 5.41 10.50 32.27
CA VAL C 124 6.26 10.34 33.45
C VAL C 124 6.24 11.60 34.31
N VAL C 125 6.15 12.77 33.68
CA VAL C 125 6.03 14.01 34.44
C VAL C 125 4.73 14.02 35.23
N VAL C 126 3.63 13.58 34.61
CA VAL C 126 2.36 13.48 35.31
C VAL C 126 2.49 12.56 36.52
N LEU C 127 3.22 11.45 36.37
CA LEU C 127 3.35 10.51 37.47
C LEU C 127 4.11 11.11 38.65
N ILE C 128 5.17 11.86 38.39
CA ILE C 128 5.94 12.37 39.51
C ILE C 128 5.25 13.59 40.12
N LEU C 129 4.52 14.38 39.32
CA LEU C 129 3.73 15.44 39.90
C LEU C 129 2.57 14.89 40.73
N THR C 130 1.92 13.83 40.24
CA THR C 130 0.87 13.18 41.02
C THR C 130 1.40 12.72 42.37
N LEU C 131 2.57 12.06 42.38
CA LEU C 131 3.09 11.53 43.63
C LEU C 131 3.56 12.64 44.55
N LEU C 132 4.18 13.69 43.99
CA LEU C 132 4.66 14.78 44.84
C LEU C 132 3.50 15.57 45.43
N SER C 133 2.44 15.79 44.66
CA SER C 133 1.31 16.55 45.17
C SER C 133 0.53 15.77 46.21
N SER C 134 0.42 14.45 46.04
CA SER C 134 -0.38 13.65 46.96
C SER C 134 0.34 13.47 48.29
N ALA C 135 1.66 13.27 48.27
CA ALA C 135 2.40 13.18 49.52
C ALA C 135 2.43 14.51 50.25
N ALA C 136 2.53 15.62 49.50
CA ALA C 136 2.46 16.93 50.12
C ALA C 136 1.10 17.19 50.74
N ILE C 137 0.02 16.80 50.06
CA ILE C 137 -1.31 17.11 50.53
C ILE C 137 -1.72 16.17 51.67
N ALA C 138 -1.43 14.87 51.54
CA ALA C 138 -1.75 13.94 52.61
C ALA C 138 -1.01 14.28 53.90
N ALA C 139 0.22 14.80 53.80
CA ALA C 139 0.97 15.21 54.98
C ALA C 139 0.33 16.40 55.68
N MET C 140 -0.56 17.13 55.01
CA MET C 140 -1.27 18.25 55.62
C MET C 140 -2.41 17.76 56.52
N SER D 2 -28.76 22.49 16.01
CA SER D 2 -27.46 23.03 15.62
C SER D 2 -26.70 22.02 14.75
N SER D 3 -26.28 22.46 13.56
CA SER D 3 -25.52 21.59 12.67
C SER D 3 -24.09 21.38 13.16
N LYS D 4 -23.61 22.21 14.10
CA LYS D 4 -22.29 22.05 14.69
C LYS D 4 -22.37 21.52 16.11
N ALA D 5 -23.39 20.69 16.39
CA ALA D 5 -23.67 20.30 17.77
C ALA D 5 -22.57 19.43 18.34
N ALA D 6 -22.04 18.49 17.55
CA ALA D 6 -21.00 17.61 18.07
C ALA D 6 -19.73 18.38 18.42
N SER D 7 -19.29 19.29 17.56
CA SER D 7 -18.10 20.06 17.87
C SER D 7 -18.35 21.08 18.96
N LEU D 8 -19.58 21.62 19.05
CA LEU D 8 -19.90 22.53 20.15
C LEU D 8 -19.87 21.82 21.50
N HIS D 9 -20.26 20.54 21.52
CA HIS D 9 -20.20 19.79 22.77
C HIS D 9 -18.76 19.50 23.16
N TRP D 10 -17.93 19.11 22.19
CA TRP D 10 -16.51 18.88 22.46
C TRP D 10 -15.86 20.12 23.03
N THR D 11 -16.14 21.29 22.46
CA THR D 11 -15.57 22.53 22.97
C THR D 11 -16.09 22.84 24.37
N SER D 12 -17.39 22.61 24.60
CA SER D 12 -17.97 22.86 25.92
C SER D 12 -17.35 21.96 26.98
N GLU D 13 -17.08 20.69 26.64
CA GLU D 13 -16.45 19.78 27.59
C GLU D 13 -15.11 20.32 28.05
N ARG D 14 -14.31 20.85 27.13
CA ARG D 14 -13.01 21.41 27.49
C ARG D 14 -13.17 22.72 28.26
N ALA D 15 -14.18 23.51 27.92
CA ALA D 15 -14.37 24.77 28.64
C ALA D 15 -14.71 24.51 30.11
N VAL D 16 -15.55 23.50 30.37
CA VAL D 16 -15.91 23.18 31.74
C VAL D 16 -14.72 22.58 32.49
N SER D 17 -13.88 21.83 31.79
CA SER D 17 -12.67 21.27 32.39
C SER D 17 -11.71 22.37 32.82
N ALA D 18 -11.51 23.37 31.96
CA ALA D 18 -10.66 24.48 32.33
C ALA D 18 -11.24 25.24 33.52
N LEU D 19 -12.57 25.32 33.57
CA LEU D 19 -13.22 26.05 34.65
C LEU D 19 -13.12 25.27 35.97
N LEU D 20 -13.32 23.96 35.91
CA LEU D 20 -13.13 23.12 37.08
C LEU D 20 -11.70 23.18 37.58
N LEU D 21 -10.74 23.25 36.64
CA LEU D 21 -9.34 23.36 37.01
C LEU D 21 -9.08 24.63 37.81
N GLY D 22 -9.65 25.76 37.37
CA GLY D 22 -9.48 27.00 38.11
C GLY D 22 -10.28 27.11 39.39
N LEU D 23 -11.27 26.23 39.59
CA LEU D 23 -12.04 26.27 40.83
C LEU D 23 -11.23 25.69 41.99
N LEU D 24 -10.31 24.77 41.69
CA LEU D 24 -9.45 24.21 42.73
C LEU D 24 -8.60 25.26 43.42
N PRO D 25 -7.88 26.14 42.72
CA PRO D 25 -7.19 27.22 43.45
C PRO D 25 -8.15 28.21 44.08
N ALA D 26 -9.31 28.45 43.44
CA ALA D 26 -10.31 29.33 44.03
C ALA D 26 -10.84 28.75 45.33
N ALA D 27 -11.05 27.43 45.37
CA ALA D 27 -11.54 26.79 46.60
C ALA D 27 -10.51 26.86 47.71
N TYR D 28 -9.23 26.80 47.37
CA TYR D 28 -8.21 26.95 48.41
C TYR D 28 -8.02 28.40 48.81
N LEU D 29 -8.10 29.32 47.86
CA LEU D 29 -7.86 30.74 48.09
C LEU D 29 -9.09 31.47 48.61
N TYR D 30 -10.24 31.30 47.97
CA TYR D 30 -11.46 32.03 48.33
C TYR D 30 -12.61 31.09 48.68
N PRO D 31 -12.45 30.24 49.71
CA PRO D 31 -13.55 29.35 50.08
C PRO D 31 -14.77 30.15 50.53
N GLY D 32 -15.94 29.73 50.08
CA GLY D 32 -17.16 30.44 50.38
C GLY D 32 -18.30 29.92 49.54
N PRO D 33 -19.48 30.54 49.68
CA PRO D 33 -20.65 30.06 48.91
C PRO D 33 -20.48 30.22 47.39
N ALA D 34 -19.86 31.29 46.93
CA ALA D 34 -19.65 31.45 45.49
C ALA D 34 -18.97 30.23 44.89
N VAL D 35 -17.85 29.82 45.49
CA VAL D 35 -17.11 28.66 44.98
C VAL D 35 -17.87 27.37 45.26
N ASP D 36 -18.57 27.29 46.39
CA ASP D 36 -19.29 26.07 46.76
C ASP D 36 -20.31 25.70 45.70
N TYR D 37 -21.14 26.66 45.29
CA TYR D 37 -22.14 26.37 44.27
C TYR D 37 -21.54 26.26 42.87
N SER D 38 -20.47 27.01 42.58
CA SER D 38 -19.79 26.80 41.29
C SER D 38 -19.20 25.41 41.20
N LEU D 39 -18.56 24.95 42.28
CA LEU D 39 -18.05 23.57 42.29
C LEU D 39 -19.18 22.57 42.10
N ALA D 40 -20.31 22.77 42.79
CA ALA D 40 -21.44 21.85 42.64
C ALA D 40 -21.91 21.78 41.19
N ALA D 41 -22.00 22.94 40.54
CA ALA D 41 -22.44 22.96 39.14
C ALA D 41 -21.41 22.31 38.23
N ALA D 42 -20.12 22.66 38.40
CA ALA D 42 -19.07 22.17 37.51
C ALA D 42 -18.79 20.68 37.73
N LEU D 43 -18.77 20.24 38.99
CA LEU D 43 -18.55 18.83 39.29
C LEU D 43 -19.61 17.94 38.65
N THR D 44 -20.84 18.41 38.59
CA THR D 44 -21.93 17.60 38.06
C THR D 44 -21.91 17.58 36.53
N LEU D 45 -21.74 18.75 35.92
CA LEU D 45 -21.74 18.83 34.47
C LEU D 45 -20.56 18.07 33.87
N HIS D 46 -19.36 18.28 34.42
CA HIS D 46 -18.18 17.54 33.96
C HIS D 46 -18.36 16.03 34.17
N GLY D 47 -18.85 15.63 35.34
CA GLY D 47 -19.10 14.21 35.58
C GLY D 47 -20.18 13.64 34.69
N HIS D 48 -21.24 14.41 34.44
CA HIS D 48 -22.32 13.94 33.59
C HIS D 48 -21.84 13.71 32.15
N TRP D 49 -21.10 14.68 31.60
CA TRP D 49 -20.61 14.52 30.23
C TRP D 49 -19.54 13.42 30.15
N GLY D 50 -18.66 13.37 31.14
CA GLY D 50 -17.64 12.34 31.14
C GLY D 50 -18.20 10.94 31.25
N LEU D 51 -19.21 10.75 32.11
CA LEU D 51 -19.85 9.45 32.20
C LEU D 51 -20.66 9.12 30.95
N GLY D 52 -21.07 10.15 30.19
CA GLY D 52 -21.74 9.89 28.92
C GLY D 52 -20.79 9.38 27.85
N GLN D 53 -19.56 9.89 27.83
CA GLN D 53 -18.56 9.34 26.91
C GLN D 53 -18.31 7.87 27.22
N VAL D 54 -18.28 7.50 28.49
CA VAL D 54 -18.12 6.11 28.87
C VAL D 54 -19.27 5.28 28.31
N ILE D 55 -20.50 5.78 28.43
CA ILE D 55 -21.67 5.09 27.93
C ILE D 55 -21.62 4.99 26.40
N THR D 56 -21.24 6.08 25.74
CA THR D 56 -21.14 6.06 24.28
C THR D 56 -20.11 5.05 23.82
N ASP D 57 -18.98 4.94 24.55
CA ASP D 57 -17.93 4.03 24.14
C ASP D 57 -18.35 2.56 24.30
N TYR D 58 -19.03 2.22 25.41
CA TYR D 58 -19.15 0.82 25.85
C TYR D 58 -20.56 0.23 25.78
N VAL D 59 -21.61 1.04 25.71
CA VAL D 59 -22.98 0.52 25.70
C VAL D 59 -23.50 0.52 24.28
N HIS D 60 -24.10 -0.60 23.85
CA HIS D 60 -24.52 -0.75 22.46
C HIS D 60 -25.91 -1.38 22.38
N GLY D 61 -26.66 -0.96 21.37
CA GLY D 61 -28.05 -1.34 21.23
C GLY D 61 -28.97 -0.20 21.63
N ASP D 62 -30.05 0.01 20.87
CA ASP D 62 -30.92 1.16 21.10
C ASP D 62 -31.45 1.20 22.52
N THR D 63 -31.98 0.06 23.01
CA THR D 63 -32.59 0.07 24.34
C THR D 63 -31.54 0.17 25.45
N PRO D 64 -30.47 -0.64 25.48
CA PRO D 64 -29.45 -0.44 26.52
C PRO D 64 -28.91 0.97 26.56
N ILE D 65 -28.74 1.62 25.40
CA ILE D 65 -28.23 2.98 25.37
C ILE D 65 -29.22 3.94 26.02
N LYS D 66 -30.52 3.77 25.75
CA LYS D 66 -31.50 4.67 26.35
C LYS D 66 -31.63 4.43 27.84
N VAL D 67 -31.57 3.17 28.27
CA VAL D 67 -31.62 2.87 29.70
C VAL D 67 -30.43 3.49 30.41
N ALA D 68 -29.23 3.38 29.82
CA ALA D 68 -28.04 3.91 30.47
C ALA D 68 -28.11 5.42 30.60
N ASN D 69 -28.41 6.11 29.49
CA ASN D 69 -28.45 7.57 29.50
C ASN D 69 -29.54 8.10 30.41
N THR D 70 -30.66 7.39 30.52
CA THR D 70 -31.73 7.83 31.41
C THR D 70 -31.29 7.73 32.86
N GLY D 71 -30.72 6.58 33.24
CA GLY D 71 -30.24 6.43 34.60
C GLY D 71 -29.11 7.38 34.93
N LEU D 72 -28.25 7.68 33.95
CA LEU D 72 -27.23 8.70 34.17
C LEU D 72 -27.87 10.06 34.48
N TYR D 73 -28.90 10.42 33.73
CA TYR D 73 -29.53 11.72 33.92
C TYR D 73 -30.18 11.83 35.30
N VAL D 74 -30.79 10.75 35.78
CA VAL D 74 -31.30 10.74 37.15
C VAL D 74 -30.16 10.89 38.14
N LEU D 75 -29.08 10.12 37.94
CA LEU D 75 -27.93 10.18 38.84
C LEU D 75 -27.39 11.60 38.93
N SER D 76 -27.25 12.28 37.80
CA SER D 76 -26.67 13.61 37.79
C SER D 76 -27.60 14.64 38.42
N ALA D 77 -28.90 14.55 38.12
CA ALA D 77 -29.85 15.49 38.71
C ALA D 77 -29.88 15.35 40.22
N ILE D 78 -29.88 14.11 40.72
CA ILE D 78 -29.84 13.90 42.15
C ILE D 78 -28.52 14.38 42.73
N THR D 79 -27.42 14.19 41.99
CA THR D 79 -26.13 14.63 42.50
C THR D 79 -26.10 16.14 42.66
N PHE D 80 -26.55 16.88 41.65
CA PHE D 80 -26.52 18.34 41.72
C PHE D 80 -27.41 18.85 42.84
N THR D 81 -28.53 18.17 43.08
CA THR D 81 -29.43 18.59 44.14
C THR D 81 -28.80 18.38 45.51
N GLY D 82 -28.25 17.19 45.73
CA GLY D 82 -27.63 16.91 47.01
C GLY D 82 -26.46 17.83 47.31
N LEU D 83 -25.69 18.21 46.28
CA LEU D 83 -24.59 19.15 46.50
C LEU D 83 -25.12 20.53 46.88
N CYS D 84 -26.19 20.98 46.21
CA CYS D 84 -26.77 22.26 46.59
C CYS D 84 -27.37 22.19 47.99
N TYR D 85 -28.00 21.07 48.34
CA TYR D 85 -28.48 20.88 49.70
C TYR D 85 -27.33 21.03 50.69
N PHE D 86 -26.24 20.29 50.47
CA PHE D 86 -25.11 20.36 51.38
C PHE D 86 -24.62 21.80 51.52
N ASN D 87 -24.62 22.56 50.43
CA ASN D 87 -24.15 23.94 50.49
C ASN D 87 -25.10 24.84 51.27
N TYR D 88 -26.40 24.58 51.19
CA TYR D 88 -27.33 25.49 51.84
C TYR D 88 -27.61 25.09 53.29
N TYR D 89 -27.77 23.80 53.56
CA TYR D 89 -28.17 23.33 54.88
C TYR D 89 -27.00 22.86 55.73
N ASP D 90 -25.84 22.56 55.12
CA ASP D 90 -24.67 22.17 55.88
C ASP D 90 -23.56 23.20 55.74
N VAL D 91 -22.31 22.79 55.93
CA VAL D 91 -21.18 23.72 55.92
C VAL D 91 -20.67 24.03 54.52
N GLY D 92 -21.08 23.28 53.50
CA GLY D 92 -20.62 23.52 52.15
C GLY D 92 -19.37 22.74 51.81
N ILE D 93 -19.06 22.74 50.50
CA ILE D 93 -18.02 21.87 49.97
C ILE D 93 -16.65 22.27 50.51
N CYS D 94 -16.33 23.57 50.47
CA CYS D 94 -15.02 24.03 50.90
C CYS D 94 -14.76 23.72 52.37
N LYS D 95 -15.73 24.01 53.23
CA LYS D 95 -15.57 23.79 54.66
C LYS D 95 -15.42 22.31 54.99
N ALA D 96 -16.22 21.47 54.34
CA ALA D 96 -16.17 20.03 54.59
C ALA D 96 -14.78 19.48 54.30
N VAL D 97 -14.19 19.86 53.16
CA VAL D 97 -12.84 19.42 52.83
C VAL D 97 -11.87 19.79 53.94
N ALA D 98 -11.91 21.06 54.39
CA ALA D 98 -10.98 21.52 55.41
C ALA D 98 -11.23 20.82 56.74
N MET D 99 -12.49 20.57 57.09
CA MET D 99 -12.77 19.81 58.30
C MET D 99 -12.26 18.38 58.18
N LEU D 100 -12.49 17.74 57.03
CA LEU D 100 -12.04 16.37 56.85
C LEU D 100 -10.53 16.26 57.05
N TRP D 101 -9.78 17.26 56.57
CA TRP D 101 -8.33 17.23 56.66
C TRP D 101 -7.80 17.65 58.03
N SER D 102 -8.64 18.19 58.91
CA SER D 102 -8.20 18.48 60.27
C SER D 102 -8.21 17.25 61.16
N ILE D 103 -8.72 16.12 60.67
CA ILE D 103 -8.68 14.88 61.42
C ILE D 103 -7.23 14.44 61.59
#